data_2QLL
#
_entry.id   2QLL
#
_cell.length_a   123.986
_cell.length_b   123.986
_cell.length_c   125.695
_cell.angle_alpha   90.000
_cell.angle_beta   90.000
_cell.angle_gamma   120.000
#
_symmetry.space_group_name_H-M   'P 31 2 1'
#
loop_
_entity.id
_entity.type
_entity.pdbx_description
1 polymer 'Glycogen phosphorylase, liver form'
2 polymer 'protein targeting to glycogen - GL'
3 non-polymer "PYRIDOXAL-5'-PHOSPHATE"
4 water water
#
loop_
_entity_poly.entity_id
_entity_poly.type
_entity_poly.pdbx_seq_one_letter_code
_entity_poly.pdbx_strand_id
1 'polypeptide(L)'
;MAKPLTDQEKRRQI(SEP)IRGIVGVENVAELKKSFNRHLHFTLVKDRNVATTRDYYFALAHTVRDHLVGRWIRTQQHYY
DKCPKRVYYLSLEFYMGRTLQNTMINLGLQNACDEAIYQLGLDIEELEEIEEDAGLGNGGLGRLAACFLDSMATLGLAAY
GYGIRYEYGIFNQKIRDGWQVEEADDWLRYGNPWEKSRPEFMLPVHFYGKVEHTNTGTKWIDTQVVLALPYDTPVPGYMN
NTVNTMRLWSARAPNDFNLRDFNVGDYIQAVLDRNLAENISRVLYPNDNFFEGKELRLKQEYFVVAATLQDIIRRFKASK
FGSTRGAGTVFDAFPDQVAIQLNDTHPALAIPELMRIFVDIEKLPWSKAWELTQKTFAYTNHTVLPEALERWPVDLVEKL
LPRHLEIIYEINQKHLDRIVALFPKDVDRLRRMSLIEEEGSKRINMAHLCIVGSHAVNGVAKIHSDIVKTKVFKDFSELE
PDKFQNKTNGITPRRWLLLCNPGLAELIAEKIGEDYVKDLSQLTKLHSFLGDDVFLRELAKVKQENKLKFSQFLETEYKV
KINPSSMFDVQVKRIHEYKRQLLNCLHVITMYNRIKKDPKKLFVPRTVIIGGKAAPGYHMAKMIIKLITSVADVVNNDPM
VGSKLKVIFLENYRVSLAEKVIPATDLSEQISTAGTEASGTGNMKFMLNGALTIGTMDGANVEMAEEAGEENLFIFGMRI
DDVAALDKKGYEAKEYYEALPELKLVIDQIDNGFFSPKQPDLFKDIINMLFYHDRFKVFADYEAYVKCQDKVSQLYMNPK
AWNTMVLKNIAASGKFSSDRTIKEYAQNIWNVEPSDLKISLSNESNKVNGN
;
A
2 'polypeptide(L)' GPYY B
#
# COMPACT_ATOMS: atom_id res chain seq x y z
N LEU A 5 20.51 8.36 52.75
CA LEU A 5 19.66 9.27 51.96
C LEU A 5 19.11 8.53 50.76
N THR A 6 18.29 9.20 49.96
CA THR A 6 17.73 8.56 48.77
C THR A 6 16.68 7.53 49.11
N ASP A 7 15.46 7.83 48.68
CA ASP A 7 14.27 6.99 48.87
C ASP A 7 13.79 6.45 47.53
N GLN A 8 12.47 6.44 47.35
CA GLN A 8 11.83 5.97 46.13
C GLN A 8 11.93 6.93 44.96
N GLU A 9 13.14 7.47 44.87
CA GLU A 9 13.69 8.25 43.79
C GLU A 9 14.85 7.28 43.45
N LYS A 10 14.81 6.15 44.16
CA LYS A 10 15.68 5.00 43.96
C LYS A 10 15.08 4.35 42.73
N ARG A 11 13.74 4.36 42.64
CA ARG A 11 13.08 3.86 41.45
C ARG A 11 13.34 4.72 40.22
N ARG A 12 13.85 5.93 40.44
CA ARG A 12 14.12 6.84 39.34
C ARG A 12 15.47 6.51 38.73
N GLN A 13 16.10 5.46 39.27
CA GLN A 13 17.36 4.95 38.73
C GLN A 13 16.97 4.10 37.52
N ILE A 14 15.72 3.65 37.50
CA ILE A 14 15.22 2.82 36.40
C ILE A 14 14.96 3.77 35.24
N ILE A 16 16.86 5.42 31.12
CA ILE A 16 17.70 5.18 29.94
C ILE A 16 18.68 6.32 29.78
N ARG A 17 18.84 7.05 30.87
CA ARG A 17 19.79 8.15 30.97
C ARG A 17 21.11 7.82 30.31
N GLY A 18 21.74 6.73 30.74
CA GLY A 18 23.06 6.41 30.23
C GLY A 18 23.10 5.30 29.24
N ILE A 19 21.98 5.06 28.58
CA ILE A 19 21.89 3.97 27.63
C ILE A 19 21.14 4.43 26.40
N VAL A 20 21.09 5.73 26.19
CA VAL A 20 20.40 6.26 25.01
C VAL A 20 21.05 7.56 24.58
N GLY A 21 21.40 7.64 23.30
CA GLY A 21 22.01 8.83 22.72
C GLY A 21 23.48 8.67 22.35
N VAL A 22 24.10 7.58 22.80
CA VAL A 22 25.50 7.28 22.48
C VAL A 22 25.52 6.36 21.25
N GLU A 23 25.58 6.98 20.07
CA GLU A 23 25.54 6.24 18.81
C GLU A 23 26.86 6.17 18.05
N ASN A 24 27.96 5.86 18.73
CA ASN A 24 29.28 5.78 18.10
C ASN A 24 29.61 4.34 17.69
N VAL A 25 30.78 4.18 17.05
CA VAL A 25 31.24 2.89 16.55
C VAL A 25 31.59 1.84 17.61
N ALA A 26 32.39 2.24 18.61
CA ALA A 26 32.73 1.37 19.73
C ALA A 26 31.43 0.77 20.27
N GLU A 27 30.51 1.65 20.67
CA GLU A 27 29.22 1.25 21.21
C GLU A 27 28.48 0.31 20.29
N LEU A 28 28.35 0.64 19.01
CA LEU A 28 27.71 -0.29 18.09
C LEU A 28 28.39 -1.70 18.05
N LYS A 29 29.72 -1.79 17.96
CA LYS A 29 30.35 -3.12 17.94
C LYS A 29 30.04 -3.88 19.24
N LYS A 30 30.19 -3.18 20.35
CA LYS A 30 29.87 -3.69 21.68
C LYS A 30 28.39 -4.19 21.77
N SER A 31 27.41 -3.42 21.29
CA SER A 31 26.03 -3.92 21.31
C SER A 31 25.92 -5.14 20.41
N PHE A 32 26.51 -5.05 19.23
CA PHE A 32 26.42 -6.17 18.29
C PHE A 32 26.88 -7.46 18.94
N ASN A 33 28.02 -7.38 19.61
CA ASN A 33 28.59 -8.53 20.31
C ASN A 33 27.70 -9.05 21.45
N ARG A 34 26.95 -8.15 22.08
CA ARG A 34 26.05 -8.51 23.18
C ARG A 34 24.90 -9.28 22.61
N HIS A 35 24.32 -8.74 21.56
CA HIS A 35 23.23 -9.46 20.92
C HIS A 35 23.61 -10.78 20.28
N LEU A 36 24.64 -10.80 19.45
CA LEU A 36 24.98 -12.06 18.82
C LEU A 36 25.31 -13.17 19.81
N HIS A 37 25.87 -12.81 20.95
CA HIS A 37 26.22 -13.80 21.96
C HIS A 37 25.11 -14.00 22.98
N PHE A 38 24.63 -12.89 23.54
CA PHE A 38 23.61 -12.95 24.58
C PHE A 38 22.19 -13.08 24.09
N THR A 39 21.76 -12.22 23.21
CA THR A 39 20.41 -12.34 22.73
C THR A 39 20.31 -13.61 21.93
N LEU A 40 21.14 -13.74 20.90
CA LEU A 40 21.14 -14.93 20.01
C LEU A 40 21.69 -16.26 20.57
N VAL A 41 22.47 -16.23 21.65
CA VAL A 41 23.10 -17.46 22.19
C VAL A 41 23.81 -18.22 21.07
N LYS A 42 24.69 -17.50 20.37
CA LYS A 42 25.57 -17.97 19.28
C LYS A 42 27.02 -17.47 19.56
N ASP A 43 27.91 -17.74 18.60
CA ASP A 43 29.29 -17.23 18.57
C ASP A 43 29.82 -17.12 17.12
N ARG A 44 30.97 -16.46 16.94
CA ARG A 44 31.50 -16.30 15.56
C ARG A 44 31.74 -17.61 14.77
N ASN A 45 31.92 -18.73 15.50
CA ASN A 45 32.15 -20.06 14.92
C ASN A 45 30.93 -20.90 14.65
N VAL A 46 29.76 -20.37 14.91
CA VAL A 46 28.57 -21.19 14.77
C VAL A 46 27.45 -20.38 14.12
N ALA A 47 27.70 -19.08 13.98
CA ALA A 47 26.74 -18.11 13.49
C ALA A 47 26.67 -18.04 11.99
N THR A 48 25.47 -18.22 11.47
CA THR A 48 25.25 -18.13 10.06
C THR A 48 25.13 -16.66 9.76
N THR A 49 24.86 -16.35 8.51
CA THR A 49 24.70 -14.95 8.12
C THR A 49 23.43 -14.40 8.76
N ARG A 50 22.49 -15.32 8.98
CA ARG A 50 21.20 -14.96 9.55
C ARG A 50 21.41 -14.57 10.99
N ASP A 51 22.36 -15.26 11.63
CA ASP A 51 22.64 -14.93 13.01
C ASP A 51 23.15 -13.50 13.03
N TYR A 52 24.08 -13.15 12.12
CA TYR A 52 24.59 -11.78 12.08
C TYR A 52 23.51 -10.71 11.76
N TYR A 53 22.64 -10.96 10.78
CA TYR A 53 21.57 -9.97 10.48
C TYR A 53 20.82 -9.64 11.78
N PHE A 54 20.34 -10.69 12.45
CA PHE A 54 19.62 -10.52 13.70
C PHE A 54 20.38 -9.65 14.68
N ALA A 55 21.62 -10.04 14.98
CA ALA A 55 22.44 -9.26 15.92
C ALA A 55 22.52 -7.82 15.50
N LEU A 56 22.51 -7.58 14.20
CA LEU A 56 22.59 -6.20 13.72
C LEU A 56 21.24 -5.54 13.84
N ALA A 57 20.17 -6.25 13.51
CA ALA A 57 18.83 -5.68 13.68
C ALA A 57 18.67 -5.32 15.17
N HIS A 58 18.92 -6.27 16.07
CA HIS A 58 18.75 -5.98 17.48
C HIS A 58 19.52 -4.73 17.87
N THR A 59 20.76 -4.63 17.40
CA THR A 59 21.58 -3.46 17.67
C THR A 59 20.85 -2.19 17.26
N VAL A 60 20.15 -2.25 16.13
CA VAL A 60 19.40 -1.10 15.66
C VAL A 60 18.13 -0.86 16.48
N ARG A 61 17.37 -1.91 16.76
CA ARG A 61 16.18 -1.80 17.59
C ARG A 61 16.36 -0.93 18.83
N ASP A 62 17.32 -1.33 19.68
CA ASP A 62 17.67 -0.58 20.89
C ASP A 62 17.61 0.95 20.72
N HIS A 63 18.18 1.46 19.64
CA HIS A 63 18.09 2.89 19.39
C HIS A 63 16.66 3.30 19.04
N LEU A 64 16.01 2.51 18.19
CA LEU A 64 14.63 2.78 17.83
C LEU A 64 13.80 2.84 19.13
N VAL A 65 13.91 1.81 19.93
CA VAL A 65 13.14 1.76 21.15
C VAL A 65 13.42 2.91 22.08
N GLY A 66 14.68 3.30 22.16
CA GLY A 66 15.06 4.38 23.04
C GLY A 66 14.23 5.60 22.77
N ARG A 67 14.01 5.88 21.49
CA ARG A 67 13.20 7.02 21.06
C ARG A 67 11.71 6.78 21.20
N TRP A 68 11.33 5.53 21.05
CA TRP A 68 9.95 5.17 21.22
C TRP A 68 9.56 5.37 22.67
N ILE A 69 10.48 5.10 23.58
CA ILE A 69 10.24 5.28 25.00
C ILE A 69 10.05 6.75 25.30
N ARG A 70 10.94 7.59 24.78
CA ARG A 70 10.76 9.02 25.00
C ARG A 70 9.56 9.53 24.28
N THR A 71 9.23 8.93 23.14
CA THR A 71 8.10 9.42 22.39
C THR A 71 6.83 9.19 23.20
N GLN A 72 6.57 7.94 23.55
CA GLN A 72 5.38 7.64 24.33
C GLN A 72 5.36 8.48 25.60
N GLN A 73 6.53 8.75 26.18
CA GLN A 73 6.61 9.58 27.37
C GLN A 73 6.15 11.00 27.06
N HIS A 74 6.44 11.49 25.87
CA HIS A 74 6.01 12.84 25.48
C HIS A 74 4.51 12.89 25.32
N TYR A 75 3.95 11.87 24.69
CA TYR A 75 2.51 11.85 24.42
C TYR A 75 1.67 11.78 25.70
N TYR A 76 2.09 10.95 26.64
CA TYR A 76 1.38 10.83 27.91
C TYR A 76 1.40 12.19 28.57
N ASP A 77 2.55 12.84 28.52
CA ASP A 77 2.76 14.15 29.13
C ASP A 77 1.97 15.28 28.46
N LYS A 78 2.08 15.39 27.14
CA LYS A 78 1.39 16.44 26.38
C LYS A 78 -0.09 16.12 26.13
N CYS A 79 -0.45 14.87 26.33
CA CYS A 79 -1.83 14.40 26.11
C CYS A 79 -2.39 14.95 24.80
N PRO A 80 -1.77 14.60 23.68
CA PRO A 80 -2.26 15.11 22.40
C PRO A 80 -3.46 14.30 21.89
N LYS A 81 -4.23 14.86 20.96
CA LYS A 81 -5.35 14.13 20.38
C LYS A 81 -4.63 13.03 19.57
N ARG A 82 -5.15 11.82 19.62
CA ARG A 82 -4.51 10.68 19.01
C ARG A 82 -5.19 10.23 17.74
N VAL A 83 -4.37 9.84 16.76
CA VAL A 83 -4.89 9.32 15.48
C VAL A 83 -4.73 7.82 15.37
N TYR A 84 -5.79 7.12 14.98
CA TYR A 84 -5.70 5.67 14.84
C TYR A 84 -6.05 5.25 13.42
N TYR A 85 -5.06 4.70 12.71
CA TYR A 85 -5.27 4.30 11.34
C TYR A 85 -5.63 2.83 11.26
N LEU A 86 -6.86 2.57 10.87
CA LEU A 86 -7.40 1.21 10.89
C LEU A 86 -7.40 0.57 9.50
N SER A 87 -6.49 -0.36 9.26
CA SER A 87 -6.45 -1.02 7.96
C SER A 87 -6.28 -2.51 8.13
N LEU A 88 -6.96 -3.30 7.32
CA LEU A 88 -6.79 -4.76 7.43
C LEU A 88 -5.31 -5.07 7.29
N GLU A 89 -4.75 -4.60 6.18
CA GLU A 89 -3.35 -4.86 5.81
C GLU A 89 -2.41 -3.67 5.91
N PHE A 90 -1.14 -3.97 6.13
CA PHE A 90 -0.03 -3.00 6.21
C PHE A 90 1.19 -3.55 5.45
N TYR A 91 1.46 -3.01 4.26
CA TYR A 91 2.56 -3.48 3.40
C TYR A 91 3.90 -2.89 3.86
N MET A 92 4.50 -3.47 4.91
CA MET A 92 5.71 -2.86 5.49
C MET A 92 7.08 -2.96 4.82
N GLY A 93 7.32 -3.97 3.98
CA GLY A 93 8.63 -4.09 3.36
C GLY A 93 9.64 -4.56 4.39
N ARG A 94 10.89 -4.13 4.28
CA ARG A 94 11.95 -4.51 5.23
C ARG A 94 12.22 -3.33 6.15
N THR A 95 12.58 -3.65 7.39
CA THR A 95 12.77 -2.64 8.41
C THR A 95 14.15 -2.02 8.59
N LEU A 96 15.19 -2.85 8.50
CA LEU A 96 16.55 -2.44 8.79
C LEU A 96 17.00 -1.08 8.25
N GLN A 97 17.33 -1.06 6.97
CA GLN A 97 17.83 0.17 6.33
C GLN A 97 16.99 1.38 6.62
N ASN A 98 15.67 1.19 6.54
CA ASN A 98 14.75 2.26 6.77
C ASN A 98 14.98 2.84 8.14
N THR A 99 15.17 1.96 9.11
CA THR A 99 15.39 2.42 10.45
C THR A 99 16.73 3.11 10.56
N MET A 100 17.72 2.64 9.83
CA MET A 100 19.04 3.24 9.90
C MET A 100 18.99 4.60 9.24
N ILE A 101 18.20 4.70 8.17
CA ILE A 101 18.08 5.97 7.46
C ILE A 101 17.41 7.03 8.35
N ASN A 102 16.22 6.70 8.87
CA ASN A 102 15.48 7.60 9.73
C ASN A 102 16.16 7.99 11.03
N LEU A 103 16.92 7.10 11.64
CA LEU A 103 17.60 7.42 12.89
C LEU A 103 18.97 8.04 12.64
N GLY A 104 19.44 7.99 11.38
CA GLY A 104 20.75 8.51 11.05
C GLY A 104 21.85 7.63 11.58
N LEU A 105 21.77 6.34 11.28
CA LEU A 105 22.80 5.44 11.79
C LEU A 105 23.47 4.68 10.69
N GLN A 106 23.03 4.87 9.47
CA GLN A 106 23.61 4.17 8.32
C GLN A 106 25.12 4.12 8.32
N ASN A 107 25.73 5.28 8.53
CA ASN A 107 27.18 5.41 8.51
C ASN A 107 27.98 4.74 9.60
N ALA A 108 27.53 4.85 10.84
CA ALA A 108 28.25 4.24 11.95
C ALA A 108 28.11 2.75 11.84
N CYS A 109 26.93 2.31 11.40
CA CYS A 109 26.68 0.86 11.32
C CYS A 109 27.51 0.30 10.19
N ASP A 110 27.59 1.06 9.10
CA ASP A 110 28.40 0.69 7.95
C ASP A 110 29.79 0.29 8.42
N GLU A 111 30.39 1.19 9.19
CA GLU A 111 31.75 1.04 9.70
C GLU A 111 31.87 0.08 10.85
N ALA A 112 30.84 0.03 11.69
CA ALA A 112 30.85 -0.87 12.83
C ALA A 112 30.96 -2.26 12.24
N ILE A 113 30.08 -2.50 11.27
CA ILE A 113 30.01 -3.83 10.63
C ILE A 113 31.16 -4.18 9.73
N TYR A 114 31.89 -3.18 9.24
CA TYR A 114 33.02 -3.48 8.39
C TYR A 114 34.10 -4.01 9.28
N GLN A 115 34.28 -3.33 10.41
CA GLN A 115 35.25 -3.74 11.43
C GLN A 115 35.06 -5.16 11.96
N LEU A 116 33.81 -5.63 12.07
CA LEU A 116 33.57 -7.00 12.57
C LEU A 116 33.85 -8.01 11.46
N GLY A 117 34.12 -7.52 10.26
CA GLY A 117 34.48 -8.35 9.11
C GLY A 117 33.30 -9.00 8.45
N LEU A 118 32.23 -8.25 8.31
CA LEU A 118 30.98 -8.74 7.76
C LEU A 118 30.54 -7.77 6.63
N ASP A 119 29.78 -8.27 5.65
CA ASP A 119 29.30 -7.43 4.55
C ASP A 119 27.88 -7.01 4.86
N ILE A 120 27.73 -5.74 5.21
CA ILE A 120 26.39 -5.25 5.58
C ILE A 120 25.32 -5.51 4.56
N GLU A 121 25.68 -5.51 3.30
CA GLU A 121 24.75 -5.81 2.22
C GLU A 121 24.21 -7.22 2.35
N GLU A 122 25.09 -8.16 2.69
CA GLU A 122 24.67 -9.54 2.85
C GLU A 122 23.61 -9.62 3.95
N LEU A 123 23.90 -8.97 5.07
CA LEU A 123 23.01 -8.94 6.23
C LEU A 123 21.68 -8.32 5.80
N GLU A 124 21.76 -7.15 5.21
CA GLU A 124 20.55 -6.50 4.78
C GLU A 124 19.65 -7.30 3.84
N GLU A 125 20.21 -8.26 3.12
CA GLU A 125 19.42 -9.10 2.19
C GLU A 125 18.79 -10.36 2.79
N ILE A 126 19.11 -10.65 4.04
CA ILE A 126 18.59 -11.82 4.73
C ILE A 126 17.13 -11.61 5.20
N GLU A 127 16.80 -10.34 5.42
CA GLU A 127 15.52 -9.95 5.90
C GLU A 127 14.43 -10.27 4.88
N GLU A 128 13.39 -10.99 5.31
CA GLU A 128 12.26 -11.30 4.45
C GLU A 128 11.29 -10.13 4.54
N ASP A 129 10.42 -10.00 3.54
CA ASP A 129 9.42 -8.94 3.56
C ASP A 129 8.25 -9.31 4.50
N ALA A 130 7.92 -8.40 5.41
CA ALA A 130 6.83 -8.63 6.35
C ALA A 130 5.51 -8.81 5.61
N GLY A 131 5.11 -10.07 5.47
CA GLY A 131 3.86 -10.40 4.82
C GLY A 131 2.71 -9.83 5.63
N LEU A 132 2.40 -8.55 5.36
CA LEU A 132 1.30 -7.87 6.03
C LEU A 132 0.55 -7.03 4.99
N GLY A 133 0.90 -7.21 3.72
CA GLY A 133 0.29 -6.49 2.62
C GLY A 133 0.06 -7.37 1.40
N ASN A 134 -0.80 -6.89 0.51
CA ASN A 134 -1.13 -7.62 -0.70
C ASN A 134 -1.45 -6.63 -1.81
N GLY A 135 -1.45 -5.34 -1.50
CA GLY A 135 -1.76 -4.33 -2.49
C GLY A 135 -1.37 -2.91 -2.16
N GLY A 136 -1.87 -1.99 -2.99
CA GLY A 136 -1.61 -0.56 -2.85
C GLY A 136 -2.18 0.02 -1.57
N LEU A 137 -3.13 -0.69 -0.97
CA LEU A 137 -3.74 -0.25 0.27
C LEU A 137 -2.79 -0.42 1.45
N GLY A 138 -2.25 -1.62 1.59
CA GLY A 138 -1.30 -1.88 2.66
C GLY A 138 -0.08 -0.98 2.52
N ARG A 139 0.21 -0.56 1.29
CA ARG A 139 1.36 0.28 1.06
C ARG A 139 1.08 1.75 1.30
N LEU A 140 -0.19 2.14 1.21
CA LEU A 140 -0.59 3.52 1.48
C LEU A 140 -0.57 3.71 2.98
N ALA A 141 -0.97 2.67 3.71
CA ALA A 141 -1.00 2.71 5.16
C ALA A 141 0.41 2.92 5.64
N ALA A 142 1.33 2.09 5.15
CA ALA A 142 2.74 2.16 5.48
C ALA A 142 3.39 3.51 5.17
N CYS A 143 3.06 4.15 4.03
CA CYS A 143 3.63 5.48 3.84
C CYS A 143 3.10 6.44 4.93
N PHE A 144 1.78 6.42 5.15
CA PHE A 144 1.10 7.25 6.17
C PHE A 144 1.73 7.09 7.55
N LEU A 145 1.85 5.85 8.02
CA LEU A 145 2.52 5.60 9.30
C LEU A 145 3.90 6.28 9.32
N ASP A 146 4.64 6.22 8.22
CA ASP A 146 5.94 6.91 8.17
C ASP A 146 5.81 8.44 8.24
N SER A 147 4.88 8.97 7.46
CA SER A 147 4.67 10.42 7.38
C SER A 147 4.07 10.99 8.64
N MET A 148 3.35 10.15 9.37
CA MET A 148 2.76 10.62 10.61
C MET A 148 3.85 10.71 11.64
N ALA A 149 4.76 9.72 11.69
CA ALA A 149 5.86 9.76 12.66
C ALA A 149 6.73 10.98 12.35
N THR A 150 7.08 11.10 11.08
CA THR A 150 7.91 12.20 10.59
C THR A 150 7.26 13.58 10.85
N LEU A 151 5.93 13.62 10.73
CA LEU A 151 5.13 14.83 10.87
C LEU A 151 4.80 15.15 12.32
N GLY A 152 5.27 14.30 13.23
CA GLY A 152 5.07 14.44 14.66
C GLY A 152 3.67 14.21 15.22
N LEU A 153 2.91 13.34 14.56
CA LEU A 153 1.56 13.06 15.04
C LEU A 153 1.52 11.82 15.97
N ALA A 154 0.65 11.85 16.98
CA ALA A 154 0.51 10.71 17.91
C ALA A 154 -0.41 9.67 17.30
N ALA A 155 0.10 9.02 16.26
CA ALA A 155 -0.62 8.03 15.45
C ALA A 155 -0.31 6.64 15.88
N TYR A 156 -1.16 5.73 15.44
CA TYR A 156 -1.05 4.33 15.73
C TYR A 156 -1.56 3.62 14.51
N GLY A 157 -1.12 2.38 14.30
CA GLY A 157 -1.56 1.63 13.16
C GLY A 157 -2.18 0.38 13.70
N TYR A 158 -3.44 0.14 13.36
CA TYR A 158 -4.10 -1.05 13.90
C TYR A 158 -4.49 -1.94 12.76
N GLY A 159 -4.10 -3.18 12.83
CA GLY A 159 -4.41 -4.12 11.76
C GLY A 159 -4.26 -5.52 12.28
N ILE A 160 -4.25 -6.49 11.36
CA ILE A 160 -4.06 -7.90 11.74
C ILE A 160 -2.61 -8.29 11.49
N ARG A 161 -2.21 -9.39 12.11
CA ARG A 161 -0.85 -9.94 12.01
C ARG A 161 -0.90 -11.35 11.45
N TYR A 162 -0.75 -11.48 10.13
CA TYR A 162 -0.77 -12.78 9.49
C TYR A 162 0.52 -13.55 9.68
N PHE A 167 2.77 -17.10 0.64
CA PHE A 167 2.43 -16.03 -0.30
C PHE A 167 3.53 -15.75 -1.33
N ASN A 168 4.51 -16.63 -1.44
CA ASN A 168 5.62 -16.41 -2.38
C ASN A 168 5.37 -16.84 -3.82
N GLN A 169 5.18 -15.86 -4.70
CA GLN A 169 4.97 -16.19 -6.10
C GLN A 169 6.23 -16.71 -6.73
N LYS A 170 6.13 -17.92 -7.27
CA LYS A 170 7.26 -18.52 -7.97
C LYS A 170 6.79 -18.90 -9.36
N ILE A 171 7.73 -18.97 -10.29
CA ILE A 171 7.40 -19.34 -11.67
C ILE A 171 7.95 -20.75 -11.96
N ARG A 172 7.21 -21.52 -12.75
CA ARG A 172 7.60 -22.88 -13.10
C ARG A 172 6.85 -23.34 -14.36
N ASP A 173 7.60 -23.51 -15.45
CA ASP A 173 7.02 -23.89 -16.74
C ASP A 173 6.27 -22.67 -17.28
N GLY A 174 6.85 -21.49 -17.05
CA GLY A 174 6.27 -20.22 -17.45
C GLY A 174 4.97 -19.95 -16.73
N TRP A 175 4.66 -20.76 -15.73
CA TRP A 175 3.43 -20.64 -14.97
C TRP A 175 3.65 -20.10 -13.58
N GLN A 176 2.64 -19.42 -13.03
CA GLN A 176 2.76 -18.96 -11.65
C GLN A 176 2.44 -20.14 -10.74
N VAL A 177 3.29 -20.33 -9.73
CA VAL A 177 3.08 -21.38 -8.75
C VAL A 177 3.23 -20.86 -7.33
N GLU A 178 2.10 -20.56 -6.71
CA GLU A 178 2.08 -20.09 -5.35
C GLU A 178 2.93 -20.98 -4.43
N GLU A 179 3.43 -20.41 -3.34
CA GLU A 179 4.25 -21.13 -2.37
C GLU A 179 4.21 -20.39 -1.01
N ALA A 180 4.33 -21.12 0.09
CA ALA A 180 4.22 -20.56 1.45
C ALA A 180 5.25 -19.51 1.90
N ASP A 181 4.75 -18.39 2.45
CA ASP A 181 5.61 -17.29 2.94
C ASP A 181 5.82 -17.38 4.46
N ASP A 182 6.79 -18.20 4.86
CA ASP A 182 7.11 -18.39 6.27
C ASP A 182 7.96 -17.23 6.83
N TRP A 183 7.40 -16.01 6.79
CA TRP A 183 8.12 -14.82 7.24
C TRP A 183 8.46 -14.78 8.74
N LEU A 184 7.92 -15.74 9.50
CA LEU A 184 8.20 -15.81 10.94
C LEU A 184 8.70 -17.15 11.44
N ARG A 185 9.37 -17.93 10.61
CA ARG A 185 9.92 -19.19 11.07
C ARG A 185 11.12 -18.90 11.98
N TYR A 186 11.82 -17.81 11.70
CA TYR A 186 12.99 -17.45 12.51
C TYR A 186 12.69 -16.26 13.42
N GLY A 187 11.48 -15.73 13.32
CA GLY A 187 11.10 -14.62 14.16
C GLY A 187 11.18 -13.27 13.50
N ASN A 188 10.68 -12.26 14.21
CA ASN A 188 10.70 -10.90 13.71
C ASN A 188 11.33 -10.09 14.82
N PRO A 189 12.60 -9.71 14.64
CA PRO A 189 13.12 -8.99 15.80
C PRO A 189 12.45 -7.65 16.03
N TRP A 190 11.77 -7.15 15.02
CA TRP A 190 11.21 -5.82 15.10
C TRP A 190 10.00 -5.66 15.98
N GLU A 191 9.28 -6.74 16.21
CA GLU A 191 8.00 -6.72 16.92
C GLU A 191 8.06 -7.29 18.30
N LYS A 192 7.22 -6.75 19.16
CA LYS A 192 7.16 -7.26 20.52
C LYS A 192 5.75 -7.68 20.86
N SER A 193 5.64 -8.87 21.44
CA SER A 193 4.36 -9.39 21.88
C SER A 193 4.01 -8.80 23.24
N ARG A 194 2.74 -8.43 23.39
CA ARG A 194 2.23 -7.94 24.67
C ARG A 194 1.19 -8.90 25.24
N PRO A 195 1.56 -10.17 25.51
CA PRO A 195 0.54 -11.10 26.07
C PRO A 195 -0.19 -10.48 27.27
N GLU A 196 0.46 -9.55 27.94
CA GLU A 196 -0.11 -8.95 29.12
C GLU A 196 -1.27 -8.01 28.80
N PHE A 197 -1.50 -7.76 27.52
CA PHE A 197 -2.56 -6.85 27.06
C PHE A 197 -3.60 -7.56 26.19
N MET A 198 -3.57 -8.89 26.20
CA MET A 198 -4.58 -9.70 25.51
C MET A 198 -6.00 -9.19 25.75
N LEU A 199 -6.89 -9.52 24.81
CA LEU A 199 -8.28 -9.12 24.88
C LEU A 199 -9.09 -10.24 24.27
N PRO A 200 -10.26 -10.55 24.86
CA PRO A 200 -11.27 -11.50 24.42
C PRO A 200 -12.17 -10.82 23.40
N VAL A 201 -12.41 -11.51 22.27
CA VAL A 201 -13.32 -11.01 21.24
C VAL A 201 -14.41 -12.07 21.17
N HIS A 202 -15.65 -11.67 20.94
CA HIS A 202 -16.77 -12.61 20.98
C HIS A 202 -17.49 -12.79 19.68
N PHE A 203 -17.80 -14.03 19.35
CA PHE A 203 -18.56 -14.31 18.16
C PHE A 203 -19.82 -15.08 18.58
N TYR A 204 -20.77 -15.18 17.66
CA TYR A 204 -21.98 -15.95 17.86
C TYR A 204 -22.82 -15.52 19.07
N GLY A 205 -23.34 -16.50 19.81
CA GLY A 205 -24.17 -16.25 20.98
C GLY A 205 -25.50 -15.58 20.71
N LYS A 206 -26.09 -15.01 21.76
CA LYS A 206 -27.36 -14.34 21.63
C LYS A 206 -27.47 -13.15 22.57
N VAL A 207 -28.46 -12.29 22.32
CA VAL A 207 -28.69 -11.10 23.13
C VAL A 207 -29.90 -11.26 24.06
N GLU A 208 -29.69 -10.94 25.33
CA GLU A 208 -30.73 -10.99 26.34
C GLU A 208 -31.11 -9.56 26.69
N HIS A 209 -32.38 -9.21 26.49
CA HIS A 209 -32.84 -7.87 26.82
C HIS A 209 -33.31 -7.82 28.27
N THR A 210 -32.66 -6.97 29.05
CA THR A 210 -33.00 -6.80 30.46
C THR A 210 -33.28 -5.32 30.70
N ASN A 211 -33.78 -4.99 31.90
CA ASN A 211 -34.12 -3.61 32.25
C ASN A 211 -32.83 -2.86 32.58
N THR A 212 -31.77 -3.65 32.76
CA THR A 212 -30.45 -3.13 33.02
C THR A 212 -29.60 -3.34 31.75
N GLY A 213 -30.00 -2.65 30.68
CA GLY A 213 -29.34 -2.73 29.37
C GLY A 213 -29.22 -4.11 28.75
N THR A 214 -29.12 -4.15 27.42
CA THR A 214 -28.95 -5.40 26.65
C THR A 214 -27.65 -6.15 26.96
N LYS A 215 -27.75 -7.48 26.97
CA LYS A 215 -26.59 -8.36 27.22
C LYS A 215 -26.40 -9.36 26.09
N TRP A 216 -25.13 -9.65 25.79
CA TRP A 216 -24.77 -10.60 24.74
C TRP A 216 -24.21 -11.78 25.52
N ILE A 217 -24.82 -12.93 25.35
CA ILE A 217 -24.40 -14.12 26.11
C ILE A 217 -24.19 -15.34 25.24
N ASP A 218 -23.68 -16.40 25.86
CA ASP A 218 -23.43 -17.65 25.18
C ASP A 218 -22.52 -17.41 24.00
N THR A 219 -21.51 -16.56 24.16
CA THR A 219 -20.60 -16.27 23.06
C THR A 219 -19.39 -17.20 22.98
N GLN A 220 -18.83 -17.30 21.77
CA GLN A 220 -17.63 -18.09 21.51
C GLN A 220 -16.52 -17.09 21.57
N VAL A 221 -15.56 -17.32 22.44
CA VAL A 221 -14.47 -16.37 22.65
C VAL A 221 -13.17 -16.66 21.91
N VAL A 222 -12.58 -15.63 21.31
CA VAL A 222 -11.26 -15.75 20.69
C VAL A 222 -10.35 -14.68 21.29
N LEU A 223 -9.18 -15.05 21.77
CA LEU A 223 -8.26 -14.04 22.30
C LEU A 223 -7.56 -13.28 21.17
N ALA A 224 -7.19 -12.02 21.44
CA ALA A 224 -6.53 -11.10 20.51
C ALA A 224 -5.23 -10.65 21.18
N LEU A 225 -4.09 -11.08 20.62
CA LEU A 225 -2.75 -10.78 21.12
C LEU A 225 -2.07 -9.67 20.35
N PRO A 226 -1.67 -8.60 21.04
CA PRO A 226 -1.07 -7.47 20.34
C PRO A 226 0.43 -7.63 20.15
N TYR A 227 0.91 -7.36 18.94
CA TYR A 227 2.36 -7.36 18.67
C TYR A 227 2.73 -5.95 18.26
N ASP A 228 3.62 -5.30 19.00
CA ASP A 228 4.01 -3.92 18.67
C ASP A 228 5.28 -3.80 17.84
N THR A 229 5.22 -2.94 16.82
CA THR A 229 6.34 -2.65 15.93
C THR A 229 6.53 -1.14 15.99
N PRO A 230 7.77 -0.64 16.24
CA PRO A 230 8.05 0.80 16.28
C PRO A 230 8.10 1.40 14.88
N VAL A 231 7.55 2.58 14.70
CA VAL A 231 7.49 3.23 13.38
C VAL A 231 8.17 4.57 13.50
N PRO A 232 9.42 4.70 13.01
CA PRO A 232 10.27 5.87 13.21
C PRO A 232 10.08 7.02 12.25
N GLY A 233 9.87 8.20 12.81
CA GLY A 233 9.77 9.40 12.02
C GLY A 233 11.18 9.70 11.56
N TYR A 234 11.32 10.52 10.53
CA TYR A 234 12.63 10.84 9.96
C TYR A 234 13.43 11.92 10.68
N MET A 235 14.35 11.50 11.54
CA MET A 235 15.26 12.38 12.28
C MET A 235 14.71 13.35 13.33
N ASN A 236 13.51 13.10 13.84
CA ASN A 236 12.93 13.97 14.86
C ASN A 236 12.92 13.19 16.18
N ASN A 237 13.61 12.06 16.20
CA ASN A 237 13.66 11.22 17.39
C ASN A 237 12.26 10.72 17.77
N THR A 238 11.28 10.89 16.88
CA THR A 238 9.88 10.48 17.15
C THR A 238 9.63 9.07 16.64
N VAL A 239 8.97 8.28 17.45
CA VAL A 239 8.74 6.90 17.10
C VAL A 239 7.36 6.42 17.52
N ASN A 240 6.54 6.13 16.51
CA ASN A 240 5.19 5.68 16.70
C ASN A 240 5.07 4.16 16.77
N THR A 241 3.84 3.67 16.75
CA THR A 241 3.58 2.25 16.96
C THR A 241 2.61 1.71 15.94
N MET A 242 2.74 0.42 15.69
CA MET A 242 1.84 -0.30 14.81
C MET A 242 1.59 -1.54 15.60
N ARG A 243 0.40 -1.60 16.15
CA ARG A 243 0.02 -2.71 16.97
C ARG A 243 -0.77 -3.62 16.06
N LEU A 244 -0.32 -4.86 15.92
CA LEU A 244 -1.00 -5.84 15.08
C LEU A 244 -1.40 -6.99 15.97
N TRP A 245 -2.60 -7.50 15.76
CA TRP A 245 -3.17 -8.56 16.57
C TRP A 245 -3.13 -9.92 15.94
N SER A 246 -2.88 -10.92 16.78
CA SER A 246 -2.89 -12.32 16.39
C SER A 246 -4.01 -13.03 17.20
N ALA A 247 -4.62 -14.08 16.64
CA ALA A 247 -5.68 -14.78 17.39
C ALA A 247 -5.22 -16.05 18.07
N ARG A 248 -5.74 -16.26 19.27
CA ARG A 248 -5.40 -17.45 20.04
C ARG A 248 -6.62 -18.14 20.61
N ALA A 249 -6.54 -19.46 20.70
CA ALA A 249 -7.60 -20.24 21.31
C ALA A 249 -7.49 -20.02 22.82
N PRO A 250 -8.63 -19.72 23.47
CA PRO A 250 -8.66 -19.48 24.91
C PRO A 250 -7.97 -20.60 25.72
N ASN A 251 -8.60 -21.76 25.80
CA ASN A 251 -8.05 -22.85 26.58
C ASN A 251 -7.26 -23.83 25.72
N VAL A 267 -13.06 -27.66 21.28
CA VAL A 267 -13.06 -28.91 20.53
C VAL A 267 -13.10 -28.63 19.03
N LEU A 268 -12.02 -28.96 18.34
CA LEU A 268 -11.91 -28.76 16.90
C LEU A 268 -12.18 -27.31 16.45
N ASP A 269 -12.37 -26.41 17.40
CA ASP A 269 -12.61 -25.01 17.08
C ASP A 269 -11.38 -24.24 17.49
N ARG A 270 -10.50 -24.91 18.24
CA ARG A 270 -9.25 -24.34 18.74
C ARG A 270 -8.33 -23.92 17.58
N ASN A 271 -8.92 -23.73 16.41
CA ASN A 271 -8.17 -23.35 15.21
C ASN A 271 -9.03 -22.40 14.41
N LEU A 272 -10.32 -22.38 14.71
CA LEU A 272 -11.24 -21.45 14.06
C LEU A 272 -10.84 -20.04 14.52
N ALA A 273 -9.92 -20.00 15.46
CA ALA A 273 -9.33 -18.77 15.96
C ALA A 273 -8.20 -18.48 15.01
N GLU A 274 -7.18 -19.32 15.07
CA GLU A 274 -6.02 -19.23 14.21
C GLU A 274 -6.40 -18.75 12.81
N ASN A 275 -7.42 -19.39 12.24
CA ASN A 275 -7.92 -19.00 10.93
C ASN A 275 -8.12 -17.50 10.78
N ILE A 276 -8.70 -16.91 11.80
CA ILE A 276 -8.94 -15.48 11.83
C ILE A 276 -7.66 -14.74 11.42
N SER A 277 -6.52 -15.34 11.72
CA SER A 277 -5.24 -14.72 11.42
C SER A 277 -4.24 -15.70 10.84
N ARG A 278 -4.35 -15.96 9.55
CA ARG A 278 -3.37 -16.82 8.92
C ARG A 278 -3.13 -16.47 7.47
N VAL A 279 -4.10 -15.77 6.89
CA VAL A 279 -3.96 -15.31 5.51
C VAL A 279 -4.89 -14.15 5.34
N LEU A 280 -4.43 -13.16 4.58
CA LEU A 280 -5.26 -12.00 4.25
C LEU A 280 -5.91 -12.34 2.91
N TYR A 281 -6.97 -11.61 2.56
CA TYR A 281 -7.71 -11.85 1.31
C TYR A 281 -8.04 -13.33 1.07
N PRO A 282 -8.42 -14.04 2.15
CA PRO A 282 -8.77 -15.46 1.99
C PRO A 282 -9.92 -15.65 0.99
N PHE A 287 -18.19 -19.41 0.78
CA PHE A 287 -19.12 -19.31 1.91
C PHE A 287 -18.45 -18.93 3.24
N GLU A 288 -17.92 -19.92 3.94
CA GLU A 288 -17.23 -19.73 5.23
C GLU A 288 -15.89 -19.04 5.00
N GLY A 289 -15.64 -18.73 3.72
CA GLY A 289 -14.45 -18.02 3.26
C GLY A 289 -14.84 -16.56 3.17
N LYS A 290 -16.15 -16.34 3.24
CA LYS A 290 -16.73 -15.00 3.27
C LYS A 290 -16.85 -14.78 4.76
N GLU A 291 -17.48 -15.74 5.43
CA GLU A 291 -17.64 -15.73 6.88
C GLU A 291 -16.30 -15.43 7.53
N LEU A 292 -15.33 -16.32 7.31
CA LEU A 292 -14.01 -16.16 7.90
C LEU A 292 -13.45 -14.74 7.72
N ARG A 293 -13.85 -14.08 6.64
CA ARG A 293 -13.40 -12.71 6.40
C ARG A 293 -14.12 -11.77 7.37
N LEU A 294 -15.40 -12.09 7.63
CA LEU A 294 -16.20 -11.29 8.53
C LEU A 294 -15.57 -11.37 9.90
N LYS A 295 -15.37 -12.58 10.40
CA LYS A 295 -14.73 -12.75 11.70
C LYS A 295 -13.38 -12.03 11.74
N GLN A 296 -12.69 -11.97 10.60
CA GLN A 296 -11.39 -11.31 10.52
C GLN A 296 -11.55 -9.83 10.72
N GLU A 297 -12.48 -9.23 9.99
CA GLU A 297 -12.79 -7.80 10.11
C GLU A 297 -13.24 -7.38 11.53
N TYR A 298 -14.13 -8.18 12.13
CA TYR A 298 -14.64 -7.89 13.47
C TYR A 298 -13.54 -8.03 14.51
N PHE A 299 -12.77 -9.10 14.39
CA PHE A 299 -11.65 -9.34 15.29
C PHE A 299 -10.72 -8.09 15.38
N VAL A 300 -10.34 -7.50 14.23
CA VAL A 300 -9.50 -6.30 14.20
C VAL A 300 -10.20 -5.14 14.90
N VAL A 301 -11.46 -4.98 14.55
CA VAL A 301 -12.29 -3.91 15.04
C VAL A 301 -12.60 -3.95 16.55
N ALA A 302 -12.85 -5.14 17.11
CA ALA A 302 -13.22 -5.22 18.51
C ALA A 302 -12.02 -4.97 19.40
N ALA A 303 -10.96 -5.72 19.12
CA ALA A 303 -9.75 -5.66 19.86
C ALA A 303 -9.27 -4.22 19.83
N THR A 304 -9.17 -3.67 18.63
CA THR A 304 -8.76 -2.29 18.43
C THR A 304 -9.57 -1.30 19.28
N LEU A 305 -10.88 -1.23 19.06
CA LEU A 305 -11.69 -0.27 19.82
C LEU A 305 -11.50 -0.44 21.30
N GLN A 306 -11.50 -1.68 21.77
CA GLN A 306 -11.30 -1.87 23.20
C GLN A 306 -9.96 -1.27 23.61
N ASP A 307 -8.91 -1.51 22.81
CA ASP A 307 -7.57 -0.97 23.10
C ASP A 307 -7.62 0.54 23.23
N ILE A 308 -8.28 1.21 22.29
CA ILE A 308 -8.31 2.65 22.34
C ILE A 308 -8.95 3.13 23.59
N ILE A 309 -10.19 2.70 23.80
CA ILE A 309 -10.96 3.02 24.99
C ILE A 309 -10.04 2.85 26.19
N ARG A 310 -9.41 1.69 26.30
CA ARG A 310 -8.45 1.47 27.39
C ARG A 310 -7.40 2.60 27.44
N ARG A 311 -6.79 2.94 26.31
CA ARG A 311 -5.73 3.95 26.33
C ARG A 311 -6.24 5.30 26.80
N PHE A 312 -7.37 5.72 26.23
CA PHE A 312 -7.97 6.99 26.59
C PHE A 312 -8.54 7.09 28.03
N LYS A 313 -8.89 5.96 28.62
CA LYS A 313 -9.39 5.95 29.99
C LYS A 313 -8.16 6.21 30.88
N ALA A 314 -6.98 5.87 30.38
CA ALA A 314 -5.74 6.05 31.14
C ALA A 314 -5.09 7.40 30.86
N SER A 315 -5.69 8.23 30.01
CA SER A 315 -5.07 9.50 29.70
C SER A 315 -4.79 10.27 30.99
N LYS A 316 -3.75 11.12 30.96
CA LYS A 316 -3.38 11.94 32.12
C LYS A 316 -4.63 12.75 32.53
N PHE A 317 -5.47 13.07 31.53
CA PHE A 317 -6.73 13.75 31.77
C PHE A 317 -7.51 12.99 32.85
N GLY A 324 -19.75 14.18 35.91
CA GLY A 324 -20.26 14.15 34.56
C GLY A 324 -19.90 12.89 33.80
N THR A 325 -19.06 13.04 32.78
CA THR A 325 -18.59 11.90 31.98
C THR A 325 -17.22 12.06 31.33
N VAL A 326 -16.44 10.98 31.43
CA VAL A 326 -15.09 10.89 30.94
C VAL A 326 -15.01 10.89 29.42
N PHE A 327 -16.02 10.28 28.79
CA PHE A 327 -16.14 10.18 27.34
C PHE A 327 -16.67 11.43 26.63
N ASP A 328 -17.09 12.43 27.39
CA ASP A 328 -17.64 13.65 26.78
C ASP A 328 -16.63 14.25 25.81
N ALA A 329 -15.34 14.07 26.12
CA ALA A 329 -14.24 14.57 25.29
C ALA A 329 -13.69 13.49 24.31
N PHE A 330 -14.32 12.32 24.29
CA PHE A 330 -13.84 11.22 23.45
C PHE A 330 -13.38 11.65 22.06
N PRO A 331 -14.26 12.30 21.28
CA PRO A 331 -13.89 12.79 19.95
C PRO A 331 -12.88 13.94 19.85
N ASP A 332 -12.37 14.45 20.97
CA ASP A 332 -11.38 15.53 20.85
C ASP A 332 -9.99 14.98 21.21
N GLN A 333 -9.92 13.68 21.45
CA GLN A 333 -8.70 13.03 21.85
C GLN A 333 -8.47 11.76 21.04
N VAL A 334 -9.45 11.42 20.21
CA VAL A 334 -9.38 10.24 19.36
C VAL A 334 -9.95 10.54 17.97
N ALA A 335 -9.21 10.15 16.95
CA ALA A 335 -9.68 10.24 15.58
C ALA A 335 -9.37 8.87 15.07
N ILE A 336 -10.34 8.24 14.44
CA ILE A 336 -10.15 6.88 13.93
C ILE A 336 -10.42 6.91 12.44
N GLN A 337 -9.43 6.47 11.65
CA GLN A 337 -9.59 6.45 10.20
C GLN A 337 -9.91 5.09 9.63
N LEU A 338 -11.04 5.04 8.92
CA LEU A 338 -11.54 3.82 8.32
C LEU A 338 -11.09 3.71 6.84
N ASN A 339 -10.00 2.97 6.60
CA ASN A 339 -9.47 2.75 5.27
C ASN A 339 -10.34 1.71 4.57
N ASP A 340 -11.27 2.17 3.72
CA ASP A 340 -12.20 1.30 3.07
C ASP A 340 -13.19 0.74 4.07
N THR A 341 -14.11 -0.08 3.59
CA THR A 341 -15.17 -0.62 4.41
C THR A 341 -14.80 -1.83 5.27
N HIS A 342 -13.55 -2.27 5.24
CA HIS A 342 -13.19 -3.44 6.03
C HIS A 342 -13.40 -3.26 7.51
N PRO A 343 -13.16 -2.04 8.00
CA PRO A 343 -13.43 -2.08 9.45
C PRO A 343 -14.72 -1.31 9.74
N ALA A 344 -15.77 -1.52 8.95
CA ALA A 344 -17.04 -0.79 9.09
C ALA A 344 -17.80 -1.18 10.34
N LEU A 345 -17.41 -2.29 10.92
CA LEU A 345 -18.01 -2.76 12.16
C LEU A 345 -17.59 -1.86 13.34
N ALA A 346 -16.53 -1.08 13.17
CA ALA A 346 -16.07 -0.21 14.25
C ALA A 346 -17.21 0.68 14.73
N ILE A 347 -18.03 1.16 13.80
CA ILE A 347 -19.14 1.99 14.18
C ILE A 347 -20.09 1.27 15.14
N PRO A 348 -20.75 0.19 14.68
CA PRO A 348 -21.64 -0.40 15.69
C PRO A 348 -20.93 -0.95 16.92
N GLU A 349 -19.63 -1.21 16.80
CA GLU A 349 -18.93 -1.82 17.91
C GLU A 349 -18.61 -0.76 18.90
N LEU A 350 -18.29 0.45 18.42
CA LEU A 350 -18.05 1.53 19.35
C LEU A 350 -19.36 1.81 20.06
N MET A 351 -20.46 1.85 19.30
CA MET A 351 -21.76 2.09 19.90
C MET A 351 -22.09 1.01 20.95
N ARG A 352 -21.87 -0.27 20.61
CA ARG A 352 -22.12 -1.37 21.55
C ARG A 352 -21.36 -1.15 22.89
N ILE A 353 -20.10 -0.74 22.79
CA ILE A 353 -19.27 -0.50 23.97
C ILE A 353 -19.83 0.61 24.86
N PHE A 354 -20.15 1.75 24.23
CA PHE A 354 -20.66 2.95 24.90
C PHE A 354 -21.99 2.73 25.62
N VAL A 355 -22.93 2.11 24.92
CA VAL A 355 -24.31 1.90 25.37
C VAL A 355 -24.50 0.67 26.29
N ASP A 356 -23.97 -0.46 25.86
CA ASP A 356 -24.11 -1.67 26.63
C ASP A 356 -23.04 -1.80 27.70
N ILE A 357 -21.92 -1.11 27.54
CA ILE A 357 -20.81 -1.23 28.49
C ILE A 357 -20.60 0.02 29.33
N GLU A 358 -20.36 1.16 28.68
CA GLU A 358 -20.23 2.39 29.44
C GLU A 358 -21.65 2.87 29.82
N LYS A 359 -22.65 2.26 29.18
CA LYS A 359 -24.03 2.55 29.48
C LYS A 359 -24.44 4.01 29.40
N LEU A 360 -24.14 4.70 28.29
CA LEU A 360 -24.58 6.09 28.10
C LEU A 360 -25.78 6.13 27.15
N PRO A 361 -26.48 7.28 27.09
CA PRO A 361 -27.61 7.29 26.19
C PRO A 361 -27.21 7.04 24.77
N TRP A 362 -28.04 6.29 24.04
CA TRP A 362 -27.80 5.92 22.66
C TRP A 362 -27.60 7.15 21.81
N SER A 363 -28.17 8.26 22.26
CA SER A 363 -28.04 9.45 21.47
C SER A 363 -26.70 10.16 21.73
N LYS A 364 -26.16 10.02 22.95
CA LYS A 364 -24.87 10.63 23.29
C LYS A 364 -23.76 9.85 22.62
N ALA A 365 -23.86 8.52 22.72
CA ALA A 365 -22.92 7.63 22.11
C ALA A 365 -22.85 7.91 20.62
N TRP A 366 -23.98 8.28 20.02
CA TRP A 366 -23.97 8.47 18.58
C TRP A 366 -23.22 9.71 18.16
N GLU A 367 -23.23 10.71 19.02
CA GLU A 367 -22.59 11.98 18.74
C GLU A 367 -21.08 11.79 18.94
N LEU A 368 -20.73 10.91 19.86
CA LEU A 368 -19.34 10.65 20.16
C LEU A 368 -18.80 9.81 19.01
N THR A 369 -19.62 8.88 18.55
CA THR A 369 -19.27 8.04 17.42
C THR A 369 -18.94 8.82 16.14
N GLN A 370 -19.96 9.40 15.52
CA GLN A 370 -19.79 10.16 14.28
C GLN A 370 -18.60 11.12 14.33
N LYS A 371 -18.28 11.66 15.48
CA LYS A 371 -17.17 12.61 15.56
C LYS A 371 -15.79 11.94 15.69
N THR A 372 -15.81 10.64 15.96
CA THR A 372 -14.62 9.83 16.09
C THR A 372 -14.14 9.38 14.68
N PHE A 373 -15.09 8.89 13.90
CA PHE A 373 -14.86 8.24 12.64
C PHE A 373 -14.84 9.10 11.39
N ALA A 374 -13.94 8.72 10.51
CA ALA A 374 -13.82 9.35 9.20
C ALA A 374 -13.57 8.18 8.26
N TYR A 375 -14.10 8.27 7.05
CA TYR A 375 -14.03 7.17 6.12
C TYR A 375 -13.31 7.50 4.82
N THR A 376 -12.35 6.64 4.44
CA THR A 376 -11.61 6.75 3.18
C THR A 376 -12.06 5.68 2.18
N ASN A 377 -12.61 6.14 1.06
CA ASN A 377 -13.08 5.27 -0.01
C ASN A 377 -11.95 5.15 -1.00
N HIS A 378 -11.66 3.93 -1.42
CA HIS A 378 -10.56 3.73 -2.34
C HIS A 378 -11.05 3.21 -3.68
N THR A 379 -12.25 2.63 -3.69
CA THR A 379 -12.80 2.00 -4.87
C THR A 379 -13.68 2.84 -5.74
N VAL A 380 -13.24 3.01 -6.99
CA VAL A 380 -14.02 3.72 -7.99
C VAL A 380 -15.34 2.96 -8.06
N LEU A 381 -15.21 1.64 -8.15
CA LEU A 381 -16.33 0.71 -8.25
C LEU A 381 -17.53 1.08 -7.40
N PRO A 382 -18.71 0.57 -7.79
CA PRO A 382 -20.08 0.58 -7.26
C PRO A 382 -20.50 -0.89 -7.10
N GLU A 383 -19.85 -1.74 -7.90
CA GLU A 383 -20.06 -3.18 -7.86
C GLU A 383 -18.78 -3.84 -7.33
N ALA A 384 -18.45 -3.52 -6.09
CA ALA A 384 -17.25 -4.07 -5.45
C ALA A 384 -17.22 -3.65 -3.98
N LEU A 385 -18.31 -3.01 -3.54
CA LEU A 385 -18.45 -2.56 -2.15
C LEU A 385 -18.84 -3.76 -1.31
N GLU A 386 -18.40 -3.75 -0.05
CA GLU A 386 -18.72 -4.84 0.83
C GLU A 386 -20.21 -4.82 1.12
N ARG A 387 -20.82 -6.01 1.11
CA ARG A 387 -22.23 -6.16 1.41
C ARG A 387 -22.42 -7.53 2.03
N TRP A 388 -22.69 -7.57 3.34
CA TRP A 388 -22.90 -8.82 4.05
C TRP A 388 -24.38 -9.16 4.19
N PRO A 389 -24.71 -10.44 4.10
CA PRO A 389 -26.10 -10.87 4.23
C PRO A 389 -26.53 -10.82 5.68
N VAL A 390 -27.64 -10.14 5.92
CA VAL A 390 -28.21 -9.98 7.24
C VAL A 390 -28.25 -11.27 8.05
N ASP A 391 -28.57 -12.38 7.39
CA ASP A 391 -28.68 -13.70 8.05
C ASP A 391 -27.38 -14.19 8.64
N LEU A 392 -26.29 -13.66 8.08
CA LEU A 392 -24.93 -14.01 8.48
C LEU A 392 -24.50 -13.10 9.63
N VAL A 393 -24.64 -11.79 9.42
CA VAL A 393 -24.31 -10.83 10.43
C VAL A 393 -25.16 -11.21 11.62
N GLU A 394 -26.34 -11.76 11.32
CA GLU A 394 -27.25 -12.13 12.38
C GLU A 394 -26.76 -13.26 13.25
N LYS A 395 -26.21 -14.30 12.65
CA LYS A 395 -25.76 -15.44 13.45
C LYS A 395 -24.50 -15.15 14.24
N LEU A 396 -23.54 -14.50 13.58
CA LEU A 396 -22.24 -14.21 14.18
C LEU A 396 -22.25 -13.06 15.17
N LEU A 397 -22.90 -11.96 14.80
CA LEU A 397 -22.95 -10.73 15.60
C LEU A 397 -24.38 -10.28 15.81
N PRO A 398 -25.12 -10.98 16.66
CA PRO A 398 -26.52 -10.53 16.78
C PRO A 398 -26.68 -9.10 17.34
N ARG A 399 -25.96 -8.79 18.41
CA ARG A 399 -26.09 -7.44 18.98
C ARG A 399 -25.67 -6.35 18.03
N HIS A 400 -24.90 -6.73 17.03
CA HIS A 400 -24.45 -5.74 16.08
C HIS A 400 -25.53 -5.46 15.05
N LEU A 401 -26.20 -6.52 14.59
CA LEU A 401 -27.30 -6.35 13.65
C LEU A 401 -28.34 -5.43 14.24
N GLU A 402 -28.71 -5.68 15.49
CA GLU A 402 -29.68 -4.84 16.17
C GLU A 402 -29.21 -3.38 16.12
N ILE A 403 -27.99 -3.13 16.58
CA ILE A 403 -27.44 -1.78 16.58
C ILE A 403 -27.54 -1.17 15.17
N ILE A 404 -27.12 -1.93 14.17
CA ILE A 404 -27.21 -1.51 12.76
C ILE A 404 -28.65 -1.12 12.37
N TYR A 405 -29.61 -2.01 12.60
CA TYR A 405 -31.02 -1.69 12.31
C TYR A 405 -31.44 -0.39 12.98
N GLU A 406 -30.94 -0.15 14.19
CA GLU A 406 -31.21 1.08 14.96
C GLU A 406 -30.58 2.33 14.35
N ILE A 407 -29.36 2.20 13.83
CA ILE A 407 -28.71 3.34 13.19
C ILE A 407 -29.53 3.66 11.96
N ASN A 408 -29.98 2.61 11.29
CA ASN A 408 -30.72 2.80 10.04
C ASN A 408 -32.03 3.56 10.22
N GLN A 409 -32.90 3.01 11.06
CA GLN A 409 -34.19 3.61 11.34
C GLN A 409 -34.07 5.10 11.59
N LYS A 410 -33.17 5.48 12.48
CA LYS A 410 -33.00 6.91 12.81
C LYS A 410 -32.50 7.63 11.57
N HIS A 411 -31.69 6.93 10.80
CA HIS A 411 -31.10 7.47 9.57
C HIS A 411 -32.20 7.84 8.58
N LEU A 412 -32.97 6.83 8.19
CA LEU A 412 -34.08 7.03 7.25
C LEU A 412 -35.11 7.99 7.87
N ASP A 413 -35.44 7.75 9.14
CA ASP A 413 -36.36 8.61 9.88
C ASP A 413 -36.04 10.08 9.61
N ARG A 414 -34.77 10.45 9.58
CA ARG A 414 -34.40 11.84 9.31
C ARG A 414 -34.68 12.19 7.85
N ILE A 415 -34.50 11.21 6.96
CA ILE A 415 -34.73 11.43 5.54
C ILE A 415 -36.21 11.72 5.25
N VAL A 416 -37.09 10.85 5.77
CA VAL A 416 -38.53 11.00 5.59
C VAL A 416 -38.94 12.40 6.01
N ALA A 417 -38.28 12.93 7.02
CA ALA A 417 -38.57 14.28 7.46
C ALA A 417 -38.29 15.24 6.30
N LEU A 418 -37.03 15.33 5.88
CA LEU A 418 -36.65 16.25 4.79
C LEU A 418 -37.29 16.02 3.41
N PHE A 419 -37.58 14.77 3.07
CA PHE A 419 -38.14 14.45 1.75
C PHE A 419 -39.20 13.39 1.87
N PRO A 420 -40.36 13.81 2.36
CA PRO A 420 -41.59 13.08 2.63
C PRO A 420 -42.01 12.11 1.51
N LYS A 421 -42.23 12.61 0.31
CA LYS A 421 -42.67 11.74 -0.79
C LYS A 421 -41.61 10.72 -1.24
N ASP A 422 -40.49 11.22 -1.74
CA ASP A 422 -39.39 10.37 -2.23
C ASP A 422 -39.18 9.06 -1.48
N VAL A 423 -39.97 8.05 -1.79
CA VAL A 423 -39.84 6.77 -1.13
C VAL A 423 -38.70 6.01 -1.78
N ASP A 424 -38.21 6.54 -2.90
CA ASP A 424 -37.09 5.93 -3.63
C ASP A 424 -35.74 6.32 -3.04
N ARG A 425 -35.59 7.61 -2.74
CA ARG A 425 -34.37 8.13 -2.11
C ARG A 425 -34.18 7.27 -0.89
N LEU A 426 -35.30 6.96 -0.24
CA LEU A 426 -35.37 6.07 0.92
C LEU A 426 -34.60 4.79 0.67
N ARG A 427 -35.31 3.73 0.27
CA ARG A 427 -34.70 2.41 0.00
C ARG A 427 -33.32 2.45 -0.68
N ARG A 428 -33.02 3.59 -1.30
CA ARG A 428 -31.72 3.82 -1.94
C ARG A 428 -30.70 3.99 -0.82
N MET A 429 -30.81 5.14 -0.17
CA MET A 429 -29.94 5.51 0.94
C MET A 429 -30.02 4.58 2.16
N SER A 430 -30.81 3.53 2.08
CA SER A 430 -30.96 2.64 3.22
C SER A 430 -29.77 1.74 3.39
N LEU A 431 -29.22 1.71 4.59
CA LEU A 431 -28.07 0.87 4.93
C LEU A 431 -28.30 -0.57 4.53
N ILE A 432 -29.55 -1.00 4.49
CA ILE A 432 -29.82 -2.38 4.17
C ILE A 432 -30.58 -2.60 2.87
N GLU A 433 -30.06 -3.52 2.06
CA GLU A 433 -30.66 -3.90 0.78
C GLU A 433 -31.65 -5.02 1.06
N GLU A 434 -32.91 -4.66 1.23
CA GLU A 434 -33.99 -5.58 1.55
C GLU A 434 -34.58 -6.27 0.31
N GLU A 435 -34.14 -7.50 0.04
CA GLU A 435 -34.59 -8.26 -1.13
C GLU A 435 -34.48 -9.78 -0.91
N GLY A 436 -33.88 -10.48 -1.89
CA GLY A 436 -33.69 -11.92 -1.87
C GLY A 436 -33.33 -12.39 -0.47
N SER A 437 -32.07 -12.21 -0.11
CA SER A 437 -31.63 -12.49 1.23
C SER A 437 -30.96 -11.20 1.63
N LYS A 438 -31.79 -10.21 1.99
CA LYS A 438 -31.36 -8.85 2.34
C LYS A 438 -29.92 -8.69 2.81
N ARG A 439 -29.25 -7.66 2.30
CA ARG A 439 -27.86 -7.42 2.65
C ARG A 439 -27.65 -6.08 3.34
N ILE A 440 -26.55 -5.99 4.09
CA ILE A 440 -26.16 -4.73 4.73
C ILE A 440 -25.12 -4.03 3.83
N ASN A 441 -25.32 -2.75 3.55
CA ASN A 441 -24.38 -1.99 2.71
C ASN A 441 -23.35 -1.27 3.56
N MET A 442 -22.26 -2.00 3.81
CA MET A 442 -21.15 -1.52 4.61
C MET A 442 -20.68 -0.11 4.25
N ALA A 443 -20.69 0.21 2.97
CA ALA A 443 -20.27 1.52 2.50
C ALA A 443 -21.18 2.62 3.02
N HIS A 444 -22.47 2.31 3.09
CA HIS A 444 -23.49 3.23 3.56
C HIS A 444 -23.37 3.43 5.08
N LEU A 445 -23.15 2.33 5.80
CA LEU A 445 -22.95 2.38 7.24
C LEU A 445 -21.78 3.31 7.57
N CYS A 446 -20.70 3.21 6.78
CA CYS A 446 -19.51 4.03 6.99
C CYS A 446 -19.78 5.50 6.83
N ILE A 447 -20.63 5.82 5.85
CA ILE A 447 -20.95 7.22 5.55
C ILE A 447 -21.84 7.84 6.62
N VAL A 448 -22.88 7.12 7.04
CA VAL A 448 -23.74 7.67 8.08
C VAL A 448 -22.95 7.85 9.37
N GLY A 449 -22.15 6.85 9.71
CA GLY A 449 -21.36 6.89 10.93
C GLY A 449 -20.05 7.67 10.97
N SER A 450 -19.71 8.41 9.92
CA SER A 450 -18.47 9.19 9.90
C SER A 450 -18.81 10.66 9.70
N HIS A 451 -18.00 11.56 10.23
CA HIS A 451 -18.23 12.98 10.05
C HIS A 451 -17.60 13.47 8.75
N ALA A 452 -16.72 12.64 8.21
CA ALA A 452 -16.03 12.95 6.96
C ALA A 452 -15.75 11.72 6.11
N VAL A 453 -16.05 11.85 4.83
CA VAL A 453 -15.79 10.84 3.77
C VAL A 453 -14.85 11.46 2.73
N ASN A 454 -13.82 10.72 2.33
CA ASN A 454 -12.88 11.22 1.32
C ASN A 454 -12.44 10.16 0.33
N GLY A 455 -11.98 10.67 -0.81
CA GLY A 455 -11.48 9.91 -1.94
C GLY A 455 -10.00 10.23 -2.07
N VAL A 456 -9.36 9.54 -3.00
CA VAL A 456 -7.90 9.62 -3.13
C VAL A 456 -7.32 10.31 -4.36
N ALA A 457 -8.18 10.99 -5.12
CA ALA A 457 -7.75 11.75 -6.30
C ALA A 457 -8.90 12.66 -6.68
N LYS A 458 -8.59 13.80 -7.28
CA LYS A 458 -9.63 14.76 -7.65
C LYS A 458 -10.83 14.16 -8.36
N ILE A 459 -10.63 13.54 -9.53
CA ILE A 459 -11.77 12.98 -10.25
C ILE A 459 -12.43 11.85 -9.47
N HIS A 460 -11.63 11.07 -8.75
CA HIS A 460 -12.18 9.95 -7.98
C HIS A 460 -13.08 10.43 -6.86
N SER A 461 -12.56 11.39 -6.09
CA SER A 461 -13.27 12.04 -5.00
C SER A 461 -14.52 12.77 -5.49
N ASP A 462 -14.56 13.12 -6.77
CA ASP A 462 -15.69 13.83 -7.38
C ASP A 462 -16.82 12.88 -7.72
N ILE A 463 -16.44 11.68 -8.11
CA ILE A 463 -17.39 10.66 -8.49
C ILE A 463 -18.02 10.13 -7.22
N VAL A 464 -17.20 9.95 -6.19
CA VAL A 464 -17.68 9.49 -4.88
C VAL A 464 -18.78 10.43 -4.36
N LYS A 465 -18.54 11.73 -4.51
CA LYS A 465 -19.46 12.75 -4.04
C LYS A 465 -20.64 12.96 -4.99
N THR A 466 -20.35 13.40 -6.23
CA THR A 466 -21.36 13.69 -7.27
C THR A 466 -22.20 12.51 -7.81
N LYS A 467 -21.61 11.32 -7.87
CA LYS A 467 -22.32 10.17 -8.40
C LYS A 467 -22.58 9.07 -7.39
N VAL A 468 -21.55 8.28 -7.08
CA VAL A 468 -21.69 7.13 -6.20
C VAL A 468 -22.55 7.36 -4.97
N PHE A 469 -22.29 8.45 -4.26
CA PHE A 469 -23.04 8.77 -3.04
C PHE A 469 -23.72 10.11 -3.20
N LYS A 470 -24.30 10.29 -4.39
CA LYS A 470 -25.03 11.51 -4.75
C LYS A 470 -25.96 11.92 -3.62
N ASP A 471 -26.87 11.02 -3.27
CA ASP A 471 -27.86 11.28 -2.23
C ASP A 471 -27.19 11.82 -0.97
N PHE A 472 -26.21 11.07 -0.48
CA PHE A 472 -25.49 11.45 0.72
C PHE A 472 -24.90 12.85 0.66
N SER A 473 -24.10 13.14 -0.38
CA SER A 473 -23.50 14.47 -0.57
C SER A 473 -24.52 15.60 -0.62
N GLU A 474 -25.60 15.36 -1.35
CA GLU A 474 -26.66 16.37 -1.49
C GLU A 474 -27.14 16.84 -0.11
N LEU A 475 -27.23 15.88 0.80
CA LEU A 475 -27.66 16.11 2.19
C LEU A 475 -26.66 16.98 2.97
N GLU A 476 -25.59 16.35 3.42
CA GLU A 476 -24.53 17.00 4.18
C GLU A 476 -23.31 17.16 3.25
N PRO A 477 -23.42 18.02 2.23
CA PRO A 477 -22.46 18.34 1.16
C PRO A 477 -21.01 18.50 1.61
N ASP A 478 -20.82 19.19 2.73
CA ASP A 478 -19.49 19.42 3.29
C ASP A 478 -18.77 18.16 3.77
N LYS A 479 -19.53 17.16 4.18
CA LYS A 479 -18.98 15.90 4.65
C LYS A 479 -17.94 15.28 3.69
N PHE A 480 -18.11 15.52 2.40
CA PHE A 480 -17.26 14.94 1.37
C PHE A 480 -16.07 15.74 0.98
N GLN A 481 -15.02 15.04 0.61
CA GLN A 481 -13.79 15.74 0.27
C GLN A 481 -12.73 14.89 -0.39
N ASN A 482 -11.67 15.56 -0.83
CA ASN A 482 -10.61 14.86 -1.50
C ASN A 482 -9.30 14.93 -0.75
N LYS A 483 -8.60 13.81 -0.72
CA LYS A 483 -7.25 13.77 -0.18
C LYS A 483 -6.45 12.92 -1.15
N THR A 484 -5.76 13.59 -2.05
CA THR A 484 -4.98 12.95 -3.10
C THR A 484 -3.89 12.12 -2.47
N ASN A 485 -3.82 10.85 -2.86
CA ASN A 485 -2.81 9.98 -2.33
C ASN A 485 -1.43 10.59 -2.53
N GLY A 486 -0.45 10.07 -1.79
CA GLY A 486 0.94 10.50 -1.81
C GLY A 486 1.88 9.36 -1.46
N ILE A 487 3.18 9.63 -1.46
CA ILE A 487 4.17 8.59 -1.29
C ILE A 487 5.34 9.07 -0.43
N THR A 488 5.90 8.19 0.38
CA THR A 488 6.98 8.63 1.25
C THR A 488 8.35 8.75 0.63
N PRO A 489 8.90 9.97 0.69
CA PRO A 489 10.18 10.46 0.17
C PRO A 489 11.36 9.79 0.87
N ARG A 490 11.09 9.06 1.93
CA ARG A 490 12.19 8.45 2.66
C ARG A 490 12.49 7.12 1.99
N ARG A 491 11.59 6.16 2.16
CA ARG A 491 11.74 4.88 1.52
C ARG A 491 11.95 4.96 0.01
N TRP A 492 11.21 5.84 -0.66
CA TRP A 492 11.22 5.89 -2.11
C TRP A 492 12.15 6.90 -2.77
N LEU A 493 13.21 7.25 -2.06
CA LEU A 493 14.22 8.16 -2.58
C LEU A 493 15.49 8.08 -1.79
N LEU A 494 15.44 8.48 -0.53
CA LEU A 494 16.66 8.43 0.26
C LEU A 494 17.16 7.01 0.35
N LEU A 495 16.23 6.10 0.59
CA LEU A 495 16.62 4.72 0.83
C LEU A 495 16.98 4.01 -0.44
N CYS A 496 16.00 3.88 -1.33
CA CYS A 496 16.18 3.19 -2.59
C CYS A 496 17.13 3.86 -3.60
N ASN A 497 17.03 5.18 -3.73
CA ASN A 497 17.84 5.98 -4.66
C ASN A 497 18.83 6.93 -4.03
N PRO A 498 19.74 6.42 -3.21
CA PRO A 498 20.71 7.38 -2.65
C PRO A 498 21.51 8.15 -3.73
N GLY A 499 21.61 7.58 -4.93
CA GLY A 499 22.32 8.26 -5.98
C GLY A 499 21.57 9.54 -6.28
N LEU A 500 20.30 9.40 -6.64
CA LEU A 500 19.48 10.54 -6.99
C LEU A 500 19.40 11.58 -5.87
N ALA A 501 19.34 11.09 -4.64
CA ALA A 501 19.19 11.95 -3.49
C ALA A 501 20.44 12.76 -3.28
N GLU A 502 21.58 12.07 -3.28
CA GLU A 502 22.88 12.71 -3.08
C GLU A 502 23.05 13.79 -4.12
N LEU A 503 22.59 13.50 -5.33
CA LEU A 503 22.66 14.45 -6.43
C LEU A 503 21.83 15.71 -6.15
N ILE A 504 20.53 15.53 -5.96
CA ILE A 504 19.63 16.63 -5.69
C ILE A 504 20.14 17.48 -4.52
N ALA A 505 20.50 16.80 -3.44
CA ALA A 505 20.97 17.45 -2.22
C ALA A 505 21.99 18.55 -2.52
N GLU A 506 22.97 18.22 -3.35
CA GLU A 506 24.02 19.16 -3.72
C GLU A 506 23.47 20.41 -4.39
N LYS A 507 22.43 20.26 -5.20
CA LYS A 507 21.85 21.37 -5.92
C LYS A 507 20.80 22.19 -5.19
N ILE A 508 19.99 21.54 -4.35
CA ILE A 508 18.94 22.26 -3.63
C ILE A 508 18.90 21.97 -2.12
N GLY A 509 20.06 21.66 -1.53
CA GLY A 509 20.15 21.38 -0.10
C GLY A 509 19.29 20.22 0.35
N GLU A 510 19.20 19.98 1.66
CA GLU A 510 18.42 18.85 2.14
C GLU A 510 17.07 19.18 2.80
N ASP A 511 16.33 20.08 2.19
CA ASP A 511 15.03 20.45 2.71
C ASP A 511 13.92 19.77 1.93
N TYR A 512 14.24 19.20 0.78
CA TYR A 512 13.19 18.54 0.02
C TYR A 512 12.70 17.31 0.79
N VAL A 513 13.51 16.81 1.71
CA VAL A 513 13.14 15.63 2.49
C VAL A 513 11.86 15.78 3.27
N LYS A 514 11.74 16.88 4.00
CA LYS A 514 10.54 17.16 4.79
C LYS A 514 9.60 18.12 4.06
N ASP A 515 10.01 18.51 2.85
CA ASP A 515 9.22 19.39 1.98
C ASP A 515 9.55 19.13 0.50
N LEU A 516 8.92 18.11 -0.07
CA LEU A 516 9.14 17.69 -1.44
C LEU A 516 8.77 18.71 -2.53
N SER A 517 7.99 19.74 -2.19
CA SER A 517 7.67 20.74 -3.21
C SER A 517 8.91 21.60 -3.43
N GLN A 518 9.95 21.27 -2.69
CA GLN A 518 11.24 21.94 -2.80
C GLN A 518 11.95 21.46 -4.08
N LEU A 519 11.50 20.33 -4.62
CA LEU A 519 12.08 19.78 -5.83
C LEU A 519 11.91 20.75 -7.02
N THR A 520 10.96 21.69 -6.89
CA THR A 520 10.71 22.69 -7.93
C THR A 520 12.00 23.36 -8.30
N LYS A 521 12.73 23.81 -7.29
CA LYS A 521 14.00 24.51 -7.48
C LYS A 521 14.94 23.91 -8.53
N LEU A 522 14.70 22.65 -8.93
CA LEU A 522 15.55 21.95 -9.92
C LEU A 522 15.40 22.49 -11.34
N HIS A 523 14.22 23.06 -11.64
CA HIS A 523 13.95 23.65 -12.96
C HIS A 523 15.05 24.65 -13.29
N SER A 524 15.61 25.24 -12.24
CA SER A 524 16.70 26.19 -12.34
C SER A 524 17.93 25.53 -12.99
N PHE A 525 17.77 24.28 -13.41
CA PHE A 525 18.85 23.52 -14.03
C PHE A 525 18.41 22.90 -15.34
N LEU A 526 17.24 23.29 -15.81
CA LEU A 526 16.70 22.75 -17.07
C LEU A 526 17.69 23.00 -18.22
N GLY A 527 18.63 23.92 -18.00
CA GLY A 527 19.66 24.27 -18.97
C GLY A 527 20.99 23.58 -18.68
N ASP A 528 21.39 23.56 -17.40
CA ASP A 528 22.65 22.96 -16.93
C ASP A 528 22.90 21.60 -17.60
N ASP A 529 23.42 21.64 -18.81
CA ASP A 529 23.71 20.41 -19.53
C ASP A 529 24.61 19.53 -18.68
N VAL A 530 25.37 20.16 -17.79
CA VAL A 530 26.22 19.43 -16.86
C VAL A 530 25.33 18.55 -16.01
N PHE A 531 24.38 19.20 -15.34
CA PHE A 531 23.42 18.53 -14.46
C PHE A 531 22.83 17.29 -15.10
N LEU A 532 22.15 17.45 -16.24
CA LEU A 532 21.53 16.33 -16.93
C LEU A 532 22.51 15.16 -17.11
N ARG A 533 23.81 15.47 -17.14
CA ARG A 533 24.82 14.45 -17.31
C ARG A 533 24.89 13.60 -16.06
N GLU A 534 25.14 14.27 -14.94
CA GLU A 534 25.19 13.60 -13.65
C GLU A 534 23.89 12.80 -13.51
N LEU A 535 22.78 13.47 -13.78
CA LEU A 535 21.45 12.86 -13.71
C LEU A 535 21.33 11.52 -14.40
N ALA A 536 21.53 11.50 -15.71
CA ALA A 536 21.43 10.26 -16.45
C ALA A 536 22.49 9.28 -16.01
N LYS A 537 23.61 9.81 -15.51
CA LYS A 537 24.69 8.97 -15.01
C LYS A 537 24.17 8.19 -13.80
N VAL A 538 23.47 8.89 -12.91
CA VAL A 538 22.87 8.31 -11.71
C VAL A 538 21.91 7.21 -12.11
N LYS A 539 21.15 7.47 -13.16
CA LYS A 539 20.23 6.46 -13.66
C LYS A 539 20.96 5.23 -14.18
N GLN A 540 22.13 5.44 -14.80
CA GLN A 540 22.95 4.34 -15.34
C GLN A 540 23.46 3.43 -14.23
N GLU A 541 24.03 4.05 -13.19
CA GLU A 541 24.53 3.31 -12.04
C GLU A 541 23.43 2.39 -11.46
N ASN A 542 22.31 3.00 -11.04
CA ASN A 542 21.22 2.20 -10.50
C ASN A 542 20.82 1.19 -11.58
N LYS A 543 20.87 1.63 -12.84
CA LYS A 543 20.51 0.78 -13.99
C LYS A 543 21.50 -0.37 -14.18
N LEU A 544 22.77 -0.11 -13.85
CA LEU A 544 23.82 -1.12 -13.93
C LEU A 544 23.73 -2.13 -12.79
N LYS A 545 23.47 -1.64 -11.59
CA LYS A 545 23.33 -2.52 -10.43
C LYS A 545 22.15 -3.46 -10.64
N PHE A 546 20.98 -2.91 -10.91
CA PHE A 546 19.83 -3.75 -11.13
C PHE A 546 20.11 -4.83 -12.19
N SER A 547 21.05 -4.53 -13.09
CA SER A 547 21.45 -5.46 -14.15
C SER A 547 22.19 -6.66 -13.58
N GLN A 548 23.22 -6.40 -12.79
CA GLN A 548 23.97 -7.48 -12.14
C GLN A 548 23.00 -8.39 -11.40
N PHE A 549 21.82 -7.84 -11.08
CA PHE A 549 20.80 -8.59 -10.35
C PHE A 549 19.98 -9.51 -11.24
N LEU A 550 19.50 -9.00 -12.37
CA LEU A 550 18.67 -9.82 -13.24
C LEU A 550 19.48 -11.01 -13.72
N GLU A 551 20.70 -10.74 -14.16
CA GLU A 551 21.59 -11.80 -14.63
C GLU A 551 21.81 -12.85 -13.54
N THR A 552 22.24 -12.40 -12.37
CA THR A 552 22.48 -13.31 -11.27
C THR A 552 21.19 -14.01 -10.82
N GLU A 553 20.05 -13.44 -11.16
CA GLU A 553 18.80 -14.03 -10.73
C GLU A 553 18.10 -14.83 -11.82
N TYR A 554 17.82 -14.17 -12.94
CA TYR A 554 17.11 -14.79 -14.06
C TYR A 554 18.07 -15.32 -15.12
N LYS A 555 19.36 -15.09 -14.89
CA LYS A 555 20.40 -15.54 -15.79
C LYS A 555 20.10 -15.30 -17.27
N VAL A 556 20.27 -14.05 -17.69
CA VAL A 556 20.12 -13.66 -19.08
C VAL A 556 20.99 -12.45 -19.23
N LYS A 557 21.76 -12.39 -20.32
CA LYS A 557 22.63 -11.26 -20.55
C LYS A 557 21.74 -10.02 -20.48
N ILE A 558 22.16 -9.03 -19.70
CA ILE A 558 21.36 -7.82 -19.56
C ILE A 558 22.02 -6.59 -20.16
N ASN A 559 21.32 -6.02 -21.15
CA ASN A 559 21.78 -4.88 -21.91
C ASN A 559 21.74 -3.57 -21.14
N PRO A 560 22.75 -3.34 -20.29
CA PRO A 560 22.89 -2.16 -19.44
C PRO A 560 22.59 -0.85 -20.17
N SER A 561 22.67 -0.87 -21.49
CA SER A 561 22.40 0.34 -22.28
C SER A 561 20.96 0.34 -22.75
N SER A 562 20.35 -0.84 -22.68
CA SER A 562 18.97 -1.03 -23.06
C SER A 562 18.11 -0.06 -22.29
N MET A 563 16.96 0.30 -22.84
CA MET A 563 16.05 1.19 -22.15
C MET A 563 15.13 0.32 -21.32
N PHE A 564 15.31 0.36 -20.00
CA PHE A 564 14.49 -0.44 -19.08
C PHE A 564 13.07 0.12 -19.06
N ASP A 565 12.13 -0.72 -19.50
CA ASP A 565 10.71 -0.35 -19.58
C ASP A 565 9.91 -1.27 -18.66
N VAL A 566 9.47 -0.74 -17.51
CA VAL A 566 8.80 -1.58 -16.52
C VAL A 566 7.32 -1.37 -16.31
N GLN A 567 6.63 -2.49 -16.14
CA GLN A 567 5.20 -2.50 -15.82
C GLN A 567 5.01 -3.50 -14.68
N VAL A 568 5.00 -2.99 -13.45
CA VAL A 568 4.86 -3.84 -12.26
C VAL A 568 3.64 -3.52 -11.43
N LYS A 569 2.49 -4.00 -11.90
CA LYS A 569 1.23 -3.82 -11.21
C LYS A 569 0.81 -5.26 -10.97
N ARG A 570 -0.23 -5.48 -10.19
CA ARG A 570 -0.72 -6.83 -9.97
C ARG A 570 -1.21 -7.34 -11.33
N ILE A 571 -1.12 -8.66 -11.54
CA ILE A 571 -1.55 -9.29 -12.79
C ILE A 571 -3.07 -9.41 -12.87
N HIS A 572 -3.68 -8.55 -13.69
CA HIS A 572 -5.13 -8.55 -13.88
C HIS A 572 -5.52 -8.08 -15.28
N GLU A 573 -6.70 -8.49 -15.74
CA GLU A 573 -7.19 -8.11 -17.05
C GLU A 573 -7.12 -6.59 -17.16
N TYR A 574 -7.94 -5.92 -16.34
CA TYR A 574 -8.03 -4.47 -16.33
C TYR A 574 -6.71 -3.70 -16.36
N LYS A 575 -5.65 -4.31 -15.83
CA LYS A 575 -4.35 -3.63 -15.79
C LYS A 575 -3.57 -3.76 -17.10
N ARG A 576 -4.20 -4.33 -18.12
CA ARG A 576 -3.56 -4.50 -19.42
C ARG A 576 -2.49 -5.56 -19.38
N GLN A 577 -1.25 -5.10 -19.30
CA GLN A 577 -0.05 -5.95 -19.32
C GLN A 577 -0.04 -6.77 -20.61
N LEU A 578 -1.17 -7.39 -20.92
CA LEU A 578 -1.34 -8.15 -22.15
C LEU A 578 -1.13 -7.22 -23.34
N LEU A 579 -1.54 -5.96 -23.16
CA LEU A 579 -1.36 -4.94 -24.18
C LEU A 579 0.13 -4.62 -24.38
N ASN A 580 0.90 -4.71 -23.30
CA ASN A 580 2.33 -4.45 -23.39
C ASN A 580 2.94 -5.62 -24.13
N CYS A 581 2.54 -6.83 -23.73
CA CYS A 581 3.01 -8.04 -24.37
C CYS A 581 2.81 -7.92 -25.88
N LEU A 582 1.61 -7.49 -26.30
CA LEU A 582 1.32 -7.30 -27.72
C LEU A 582 2.38 -6.38 -28.29
N HIS A 583 2.76 -5.37 -27.51
CA HIS A 583 3.81 -4.46 -27.92
C HIS A 583 5.18 -5.10 -27.72
N VAL A 584 5.21 -6.22 -26.99
CA VAL A 584 6.46 -6.94 -26.74
C VAL A 584 6.84 -7.68 -28.01
N ILE A 585 5.85 -8.42 -28.52
CA ILE A 585 5.98 -9.21 -29.73
C ILE A 585 6.12 -8.28 -30.95
N THR A 586 5.28 -7.25 -31.03
CA THR A 586 5.33 -6.28 -32.12
C THR A 586 6.75 -5.77 -32.38
N MET A 587 7.49 -5.51 -31.31
CA MET A 587 8.87 -5.04 -31.42
C MET A 587 9.75 -6.22 -31.82
N TYR A 588 9.28 -7.42 -31.50
CA TYR A 588 10.00 -8.65 -31.82
C TYR A 588 9.97 -8.94 -33.31
N ASN A 589 8.97 -8.39 -34.00
CA ASN A 589 8.85 -8.59 -35.43
C ASN A 589 9.64 -7.52 -36.16
N ARG A 590 9.53 -6.28 -35.70
CA ARG A 590 10.28 -5.17 -36.30
C ARG A 590 11.77 -5.50 -36.39
N ILE A 591 12.21 -6.52 -35.68
CA ILE A 591 13.61 -6.97 -35.71
C ILE A 591 13.75 -8.26 -36.53
N LYS A 592 12.63 -8.78 -37.01
CA LYS A 592 12.62 -10.01 -37.81
C LYS A 592 12.23 -9.74 -39.27
N LYS A 593 11.34 -8.77 -39.47
CA LYS A 593 10.88 -8.38 -40.81
C LYS A 593 11.84 -7.39 -41.50
N ASP A 594 13.00 -7.16 -40.88
CA ASP A 594 14.05 -6.29 -41.43
C ASP A 594 15.08 -5.99 -40.34
N PRO A 595 15.83 -7.03 -39.91
CA PRO A 595 16.86 -7.12 -38.87
C PRO A 595 18.13 -6.31 -39.15
N LYS A 596 17.96 -4.99 -39.15
CA LYS A 596 19.08 -4.08 -39.33
C LYS A 596 18.59 -2.63 -39.36
N LYS A 597 17.30 -2.45 -39.09
CA LYS A 597 16.69 -1.12 -39.02
C LYS A 597 16.95 -0.54 -37.62
N LEU A 598 17.50 0.67 -37.56
CA LEU A 598 17.81 1.33 -36.28
C LEU A 598 16.73 1.18 -35.21
N PHE A 599 17.00 0.31 -34.25
CA PHE A 599 16.09 0.01 -33.16
C PHE A 599 16.73 0.39 -31.83
N VAL A 600 15.98 1.09 -30.98
CA VAL A 600 16.47 1.50 -29.67
C VAL A 600 16.39 0.31 -28.70
N PRO A 601 17.55 -0.21 -28.27
CA PRO A 601 17.64 -1.39 -27.39
C PRO A 601 16.65 -1.27 -26.23
N ARG A 602 16.03 -2.40 -25.87
CA ARG A 602 15.02 -2.38 -24.82
C ARG A 602 14.89 -3.65 -23.98
N THR A 603 15.09 -3.47 -22.68
CA THR A 603 14.87 -4.53 -21.72
C THR A 603 13.48 -4.23 -21.18
N VAL A 604 12.55 -5.16 -21.37
CA VAL A 604 11.19 -4.95 -20.88
C VAL A 604 10.91 -5.81 -19.66
N ILE A 605 10.53 -5.15 -18.57
CA ILE A 605 10.22 -5.86 -17.34
C ILE A 605 8.76 -5.78 -16.97
N ILE A 606 8.17 -6.94 -16.75
CA ILE A 606 6.78 -7.03 -16.35
C ILE A 606 6.71 -7.94 -15.13
N GLY A 607 6.38 -7.36 -13.99
CA GLY A 607 6.25 -8.15 -12.77
C GLY A 607 4.83 -8.08 -12.21
N GLY A 608 4.51 -8.97 -11.29
CA GLY A 608 3.20 -8.94 -10.68
C GLY A 608 2.68 -10.29 -10.25
N LYS A 609 1.64 -10.27 -9.43
CA LYS A 609 1.02 -11.49 -8.92
C LYS A 609 -0.41 -11.59 -9.42
N ALA A 610 -0.87 -12.82 -9.62
CA ALA A 610 -2.24 -13.05 -10.04
C ALA A 610 -2.87 -13.95 -9.01
N ALA A 611 -4.10 -13.65 -8.60
CA ALA A 611 -4.79 -14.44 -7.59
C ALA A 611 -4.75 -15.91 -7.98
N PRO A 612 -4.45 -16.80 -7.01
CA PRO A 612 -4.35 -18.23 -7.27
C PRO A 612 -5.60 -18.83 -7.94
N GLY A 613 -6.72 -18.08 -7.88
CA GLY A 613 -7.97 -18.49 -8.48
C GLY A 613 -8.31 -17.81 -9.81
N TYR A 614 -7.60 -16.72 -10.12
CA TYR A 614 -7.78 -15.96 -11.37
C TYR A 614 -7.30 -16.76 -12.56
N HIS A 615 -8.20 -17.49 -13.19
CA HIS A 615 -7.82 -18.31 -14.33
C HIS A 615 -7.18 -17.53 -15.48
N MET A 616 -7.84 -16.45 -15.90
CA MET A 616 -7.32 -15.64 -16.99
C MET A 616 -5.88 -15.18 -16.77
N ALA A 617 -5.68 -14.30 -15.80
CA ALA A 617 -4.35 -13.76 -15.49
C ALA A 617 -3.26 -14.82 -15.42
N LYS A 618 -3.61 -16.01 -14.91
CA LYS A 618 -2.64 -17.10 -14.84
C LYS A 618 -2.19 -17.42 -16.29
N MET A 619 -3.11 -17.24 -17.22
CA MET A 619 -2.85 -17.45 -18.63
C MET A 619 -1.99 -16.32 -19.18
N ILE A 620 -2.33 -15.08 -18.82
CA ILE A 620 -1.52 -13.94 -19.25
C ILE A 620 -0.12 -14.12 -18.67
N ILE A 621 -0.02 -14.80 -17.54
CA ILE A 621 1.30 -15.06 -16.96
C ILE A 621 2.09 -16.03 -17.83
N LYS A 622 1.47 -17.14 -18.23
CA LYS A 622 2.17 -18.10 -19.08
C LYS A 622 2.52 -17.45 -20.41
N LEU A 623 1.54 -16.73 -20.95
CA LEU A 623 1.71 -16.01 -22.21
C LEU A 623 3.01 -15.19 -22.22
N ILE A 624 3.14 -14.32 -21.23
CA ILE A 624 4.31 -13.47 -21.11
C ILE A 624 5.60 -14.27 -20.94
N THR A 625 5.49 -15.44 -20.32
CA THR A 625 6.66 -16.31 -20.11
C THR A 625 7.15 -16.88 -21.45
N SER A 626 6.31 -17.69 -22.09
CA SER A 626 6.64 -18.30 -23.37
C SER A 626 7.17 -17.26 -24.36
N VAL A 627 6.47 -16.14 -24.49
CA VAL A 627 6.89 -15.07 -25.38
C VAL A 627 8.33 -14.70 -25.09
N ALA A 628 8.63 -14.47 -23.82
CA ALA A 628 9.97 -14.11 -23.38
C ALA A 628 10.99 -15.11 -23.93
N ASP A 629 10.72 -16.39 -23.73
CA ASP A 629 11.59 -17.46 -24.20
C ASP A 629 12.05 -17.24 -25.64
N VAL A 630 11.08 -17.10 -26.52
CA VAL A 630 11.34 -16.82 -27.92
C VAL A 630 12.29 -15.64 -28.00
N VAL A 631 11.72 -14.44 -27.90
CA VAL A 631 12.47 -13.19 -28.00
C VAL A 631 13.81 -13.11 -27.27
N ASN A 632 14.09 -14.09 -26.42
CA ASN A 632 15.34 -14.07 -25.67
C ASN A 632 16.43 -14.96 -26.28
N ASN A 633 16.04 -16.16 -26.71
CA ASN A 633 16.99 -17.15 -27.26
C ASN A 633 17.35 -17.02 -28.74
N ASP A 634 16.47 -16.42 -29.53
CA ASP A 634 16.77 -16.20 -30.94
C ASP A 634 17.80 -15.07 -31.01
N PRO A 635 19.05 -15.41 -31.37
CA PRO A 635 20.30 -14.66 -31.50
C PRO A 635 20.24 -13.53 -32.53
N MET A 636 19.20 -13.54 -33.34
CA MET A 636 19.00 -12.52 -34.36
C MET A 636 18.76 -11.16 -33.71
N VAL A 637 18.06 -11.18 -32.58
CA VAL A 637 17.70 -9.98 -31.80
C VAL A 637 18.74 -9.57 -30.78
N GLY A 638 19.60 -10.50 -30.38
CA GLY A 638 20.69 -10.27 -29.44
C GLY A 638 20.44 -9.25 -28.35
N SER A 639 21.34 -8.26 -28.26
CA SER A 639 21.25 -7.21 -27.24
C SER A 639 20.29 -6.08 -27.63
N LYS A 640 19.28 -6.42 -28.41
CA LYS A 640 18.31 -5.45 -28.87
C LYS A 640 17.14 -5.32 -27.91
N LEU A 641 16.41 -6.42 -27.71
CA LEU A 641 15.25 -6.41 -26.82
C LEU A 641 15.19 -7.66 -25.92
N LYS A 642 14.98 -7.43 -24.63
CA LYS A 642 14.85 -8.50 -23.65
C LYS A 642 13.49 -8.46 -22.91
N VAL A 643 12.98 -9.64 -22.58
CA VAL A 643 11.70 -9.76 -21.88
C VAL A 643 11.97 -10.38 -20.51
N ILE A 644 11.40 -9.82 -19.45
CA ILE A 644 11.62 -10.36 -18.12
C ILE A 644 10.40 -10.31 -17.20
N PHE A 645 10.01 -11.46 -16.67
CA PHE A 645 8.90 -11.47 -15.73
C PHE A 645 9.52 -11.41 -14.37
N LEU A 646 9.33 -10.28 -13.71
CA LEU A 646 9.90 -10.05 -12.41
C LEU A 646 9.10 -10.81 -11.39
N GLU A 647 9.62 -11.97 -11.00
CA GLU A 647 8.95 -12.83 -10.04
C GLU A 647 8.88 -12.27 -8.62
N ASN A 648 7.79 -12.61 -7.94
CA ASN A 648 7.58 -12.27 -6.54
C ASN A 648 7.66 -10.77 -6.25
N TYR A 649 7.03 -9.96 -7.10
CA TYR A 649 7.05 -8.52 -6.92
C TYR A 649 6.64 -8.20 -5.49
N ARG A 650 7.45 -7.39 -4.81
CA ARG A 650 7.16 -7.03 -3.44
C ARG A 650 7.85 -5.71 -3.10
N VAL A 651 7.55 -5.19 -1.93
CA VAL A 651 8.10 -3.89 -1.52
C VAL A 651 9.59 -3.74 -1.79
N SER A 652 10.37 -4.70 -1.32
CA SER A 652 11.82 -4.67 -1.46
C SER A 652 12.29 -4.75 -2.89
N LEU A 653 11.52 -5.44 -3.73
CA LEU A 653 11.83 -5.55 -5.16
C LEU A 653 11.59 -4.21 -5.82
N ALA A 654 10.41 -3.63 -5.53
CA ALA A 654 10.03 -2.33 -6.08
C ALA A 654 11.18 -1.39 -5.79
N GLU A 655 11.83 -1.64 -4.66
CA GLU A 655 12.94 -0.82 -4.18
C GLU A 655 14.20 -1.03 -5.05
N LYS A 656 14.28 -2.20 -5.69
CA LYS A 656 15.39 -2.50 -6.60
C LYS A 656 15.10 -1.97 -8.02
N VAL A 657 13.99 -2.38 -8.61
CA VAL A 657 13.63 -1.94 -9.96
C VAL A 657 13.46 -0.44 -10.07
N ILE A 658 12.45 0.09 -9.39
CA ILE A 658 12.08 1.51 -9.45
C ILE A 658 13.16 2.51 -9.72
N PRO A 659 14.30 2.40 -9.04
CA PRO A 659 15.28 3.44 -9.32
C PRO A 659 15.93 3.29 -10.69
N ALA A 660 16.07 2.04 -11.13
CA ALA A 660 16.75 1.76 -12.38
C ALA A 660 15.83 1.70 -13.60
N THR A 661 14.65 2.32 -13.52
CA THR A 661 13.71 2.29 -14.64
C THR A 661 13.56 3.59 -15.48
N ASP A 662 13.43 3.43 -16.81
CA ASP A 662 13.37 4.55 -17.76
C ASP A 662 11.96 4.90 -18.14
N LEU A 663 11.21 3.88 -18.53
CA LEU A 663 9.83 4.05 -18.92
C LEU A 663 8.94 3.26 -17.94
N SER A 664 7.96 3.95 -17.37
CA SER A 664 7.01 3.36 -16.42
C SER A 664 5.74 3.07 -17.18
N GLU A 665 5.25 1.84 -17.08
CA GLU A 665 4.06 1.43 -17.81
C GLU A 665 2.75 1.55 -17.03
N GLN A 666 2.17 2.75 -17.02
CA GLN A 666 0.91 3.02 -16.31
C GLN A 666 -0.23 3.11 -17.31
N ILE A 667 -0.45 1.99 -18.00
CA ILE A 667 -1.41 1.90 -19.11
C ILE A 667 -2.64 1.06 -18.87
N SER A 668 -3.52 1.52 -17.99
CA SER A 668 -4.76 0.81 -17.75
C SER A 668 -5.91 1.58 -18.37
N THR A 669 -6.87 0.84 -18.92
CA THR A 669 -8.03 1.43 -19.57
C THR A 669 -8.58 2.56 -18.72
N ALA A 670 -8.93 3.67 -19.36
CA ALA A 670 -9.49 4.84 -18.68
C ALA A 670 -10.75 4.50 -17.86
N GLY A 671 -10.93 5.19 -16.74
CA GLY A 671 -12.07 5.01 -15.86
C GLY A 671 -12.06 3.69 -15.12
N THR A 672 -10.90 3.32 -14.57
CA THR A 672 -10.76 2.06 -13.84
C THR A 672 -9.82 2.20 -12.64
N GLU A 673 -8.96 3.21 -12.71
CA GLU A 673 -7.97 3.49 -11.69
C GLU A 673 -8.31 4.78 -10.90
N ALA A 674 -8.36 4.67 -9.58
CA ALA A 674 -8.66 5.83 -8.77
C ALA A 674 -7.41 6.67 -8.57
N SER A 675 -6.36 6.04 -8.05
CA SER A 675 -5.08 6.70 -7.82
C SER A 675 -3.94 6.03 -8.60
N GLY A 676 -2.88 5.65 -7.90
CA GLY A 676 -1.74 5.06 -8.56
C GLY A 676 -0.45 5.50 -7.89
N THR A 677 -0.15 4.81 -6.81
CA THR A 677 1.03 5.06 -5.99
C THR A 677 2.31 4.77 -6.76
N GLY A 678 2.37 3.60 -7.40
CA GLY A 678 3.52 3.22 -8.21
C GLY A 678 3.84 4.29 -9.24
N ASN A 679 2.80 4.77 -9.92
CA ASN A 679 2.95 5.82 -10.92
C ASN A 679 3.88 6.88 -10.39
N MET A 680 3.70 7.23 -9.12
CA MET A 680 4.47 8.29 -8.47
C MET A 680 5.88 7.95 -8.03
N LYS A 681 6.17 6.69 -7.74
CA LYS A 681 7.54 6.37 -7.33
C LYS A 681 8.41 6.47 -8.58
N PHE A 682 7.87 5.98 -9.68
CA PHE A 682 8.55 6.06 -10.95
C PHE A 682 8.81 7.51 -11.46
N MET A 683 7.92 8.45 -11.15
CA MET A 683 8.15 9.83 -11.60
C MET A 683 9.12 10.53 -10.67
N LEU A 684 9.17 10.06 -9.44
CA LEU A 684 10.05 10.65 -8.44
C LEU A 684 11.51 10.26 -8.66
N ASN A 685 11.72 9.06 -9.20
CA ASN A 685 13.04 8.45 -9.37
C ASN A 685 13.71 8.58 -10.74
N GLY A 686 13.21 9.46 -11.59
CA GLY A 686 13.81 9.68 -12.90
C GLY A 686 13.29 8.78 -14.01
N ALA A 687 12.22 8.04 -13.76
CA ALA A 687 11.64 7.26 -14.85
C ALA A 687 10.69 8.25 -15.50
N LEU A 688 10.16 7.88 -16.67
CA LEU A 688 9.22 8.73 -17.43
C LEU A 688 7.99 7.88 -17.67
N THR A 689 6.81 8.49 -17.77
CA THR A 689 5.59 7.70 -17.80
C THR A 689 4.85 7.54 -19.12
N ILE A 690 4.37 6.32 -19.38
CA ILE A 690 3.53 6.04 -20.53
C ILE A 690 2.22 5.48 -20.02
N GLY A 691 1.12 6.17 -20.31
CA GLY A 691 -0.19 5.74 -19.85
C GLY A 691 -1.37 6.56 -20.37
N THR A 692 -2.53 6.31 -19.77
CA THR A 692 -3.75 6.99 -20.16
C THR A 692 -4.10 8.15 -19.23
N MET A 693 -5.13 8.91 -19.59
CA MET A 693 -5.59 10.03 -18.79
C MET A 693 -6.58 9.55 -17.70
N ASP A 694 -6.05 8.90 -16.67
CA ASP A 694 -6.86 8.34 -15.60
C ASP A 694 -6.00 8.16 -14.34
N GLY A 695 -6.65 7.94 -13.19
CA GLY A 695 -5.95 7.74 -11.95
C GLY A 695 -4.94 8.83 -11.66
N ALA A 696 -3.73 8.43 -11.31
CA ALA A 696 -2.66 9.36 -10.93
C ALA A 696 -2.05 10.09 -12.11
N ASN A 697 -2.16 9.52 -13.29
CA ASN A 697 -1.61 10.15 -14.49
C ASN A 697 -2.15 11.58 -14.64
N VAL A 698 -3.46 11.73 -14.42
CA VAL A 698 -4.12 13.03 -14.51
C VAL A 698 -3.44 14.14 -13.71
N GLU A 699 -3.25 13.91 -12.41
CA GLU A 699 -2.62 14.93 -11.54
C GLU A 699 -1.13 15.07 -11.81
N MET A 700 -0.53 14.05 -12.42
CA MET A 700 0.89 14.06 -12.81
C MET A 700 1.02 15.03 -13.99
N ALA A 701 0.11 14.88 -14.96
CA ALA A 701 0.06 15.77 -16.10
C ALA A 701 -0.02 17.23 -15.62
N GLU A 702 -0.93 17.51 -14.68
CA GLU A 702 -1.10 18.86 -14.15
C GLU A 702 0.18 19.52 -13.63
N GLU A 703 0.98 18.76 -12.89
CA GLU A 703 2.19 19.29 -12.25
C GLU A 703 3.41 19.40 -13.16
N ALA A 704 3.56 18.42 -14.06
CA ALA A 704 4.68 18.37 -15.00
C ALA A 704 4.31 19.07 -16.31
N GLY A 705 3.10 18.78 -16.79
CA GLY A 705 2.53 19.26 -18.03
C GLY A 705 2.32 18.03 -18.88
N GLU A 706 1.33 18.03 -19.78
CA GLU A 706 1.09 16.86 -20.64
C GLU A 706 2.28 16.55 -21.56
N GLU A 707 2.88 17.60 -22.12
CA GLU A 707 4.03 17.46 -23.00
C GLU A 707 5.12 16.59 -22.35
N ASN A 708 5.21 16.67 -21.03
CA ASN A 708 6.24 15.93 -20.29
C ASN A 708 5.82 14.55 -19.78
N LEU A 709 4.77 14.03 -20.39
CA LEU A 709 4.20 12.73 -20.09
C LEU A 709 3.69 12.11 -21.42
N PHE A 710 3.86 10.81 -21.58
CA PHE A 710 3.42 10.12 -22.78
C PHE A 710 1.97 9.61 -22.76
N ILE A 711 1.01 10.54 -22.68
CA ILE A 711 -0.40 10.18 -22.69
C ILE A 711 -0.79 9.61 -24.05
N PHE A 712 -1.96 8.99 -24.11
CA PHE A 712 -2.40 8.42 -25.37
C PHE A 712 -3.65 7.63 -25.08
N GLY A 713 -4.16 6.98 -26.12
CA GLY A 713 -5.34 6.13 -26.02
C GLY A 713 -6.59 6.93 -25.79
N MET A 714 -7.70 6.23 -25.54
CA MET A 714 -9.00 6.86 -25.32
C MET A 714 -9.14 7.53 -23.96
N ARG A 715 -9.64 8.77 -23.96
CA ARG A 715 -9.88 9.49 -22.71
C ARG A 715 -11.12 8.84 -22.09
N ILE A 716 -11.45 9.18 -20.84
CA ILE A 716 -12.61 8.51 -20.24
C ILE A 716 -13.87 8.67 -21.09
N ASP A 717 -13.94 9.76 -21.86
CA ASP A 717 -15.08 10.03 -22.73
C ASP A 717 -15.02 9.17 -24.00
N ASP A 718 -13.85 9.13 -24.63
CA ASP A 718 -13.61 8.32 -25.85
C ASP A 718 -14.15 6.90 -25.62
N VAL A 719 -14.07 6.43 -24.38
CA VAL A 719 -14.57 5.12 -24.02
C VAL A 719 -16.06 5.27 -23.71
N ALA A 720 -16.42 6.46 -23.23
CA ALA A 720 -17.81 6.75 -22.90
C ALA A 720 -18.70 6.75 -24.14
N ALA A 721 -18.13 6.40 -25.28
CA ALA A 721 -18.88 6.35 -26.52
C ALA A 721 -18.76 4.97 -27.15
N LEU A 722 -17.51 4.53 -27.33
CA LEU A 722 -17.22 3.25 -27.93
C LEU A 722 -18.03 2.08 -27.39
N ASP A 723 -18.72 2.30 -26.27
CA ASP A 723 -19.53 1.24 -25.67
C ASP A 723 -20.92 1.25 -26.28
N LYS A 724 -21.39 2.46 -26.55
CA LYS A 724 -22.70 2.65 -27.17
C LYS A 724 -22.61 2.07 -28.57
N LYS A 725 -21.57 2.47 -29.30
CA LYS A 725 -21.31 1.97 -30.65
C LYS A 725 -21.21 0.45 -30.61
N GLY A 726 -20.71 -0.06 -29.49
CA GLY A 726 -20.48 -1.48 -29.32
C GLY A 726 -19.03 -1.70 -29.72
N TYR A 727 -18.47 -2.85 -29.36
CA TYR A 727 -17.09 -3.13 -29.70
C TYR A 727 -16.80 -4.60 -29.99
N GLU A 728 -16.09 -4.83 -31.08
CA GLU A 728 -15.70 -6.17 -31.50
C GLU A 728 -14.31 -6.07 -32.14
N ALA A 729 -13.34 -6.73 -31.53
CA ALA A 729 -11.94 -6.67 -32.00
C ALA A 729 -11.79 -6.94 -33.50
N LYS A 730 -12.89 -7.34 -34.14
CA LYS A 730 -12.94 -7.62 -35.57
C LYS A 730 -12.13 -6.60 -36.37
N GLU A 731 -12.69 -5.40 -36.50
CA GLU A 731 -12.08 -4.30 -37.26
C GLU A 731 -10.58 -4.19 -37.04
N TYR A 732 -10.22 -3.75 -35.83
CA TYR A 732 -8.82 -3.56 -35.46
C TYR A 732 -7.91 -4.69 -35.91
N TYR A 733 -8.38 -5.92 -35.78
CA TYR A 733 -7.55 -7.07 -36.16
C TYR A 733 -6.99 -6.93 -37.57
N GLU A 734 -7.87 -6.95 -38.56
CA GLU A 734 -7.45 -6.85 -39.95
C GLU A 734 -6.74 -5.53 -40.29
N ALA A 735 -7.52 -4.46 -40.33
CA ALA A 735 -7.04 -3.11 -40.65
C ALA A 735 -5.66 -2.84 -40.06
N LEU A 736 -5.45 -3.33 -38.86
CA LEU A 736 -4.17 -3.20 -38.18
C LEU A 736 -3.31 -4.38 -38.58
N PRO A 737 -2.46 -4.19 -39.59
CA PRO A 737 -1.55 -5.21 -40.14
C PRO A 737 -0.83 -5.94 -39.01
N GLU A 738 0.22 -5.30 -38.51
CA GLU A 738 1.06 -5.82 -37.43
C GLU A 738 0.26 -6.50 -36.32
N LEU A 739 -0.93 -5.98 -36.04
CA LEU A 739 -1.77 -6.59 -35.02
C LEU A 739 -1.98 -8.03 -35.44
N LYS A 740 -2.46 -8.19 -36.67
CA LYS A 740 -2.74 -9.49 -37.27
C LYS A 740 -1.57 -10.42 -37.00
N LEU A 741 -0.37 -9.89 -37.23
CA LEU A 741 0.87 -10.59 -37.00
C LEU A 741 0.79 -11.27 -35.64
N VAL A 742 1.21 -10.54 -34.62
CA VAL A 742 1.19 -11.00 -33.23
C VAL A 742 -0.14 -11.70 -32.87
N ILE A 743 -1.23 -10.96 -33.09
CA ILE A 743 -2.57 -11.44 -32.79
C ILE A 743 -2.73 -12.90 -33.20
N ASP A 744 -2.18 -13.22 -34.36
CA ASP A 744 -2.24 -14.58 -34.84
C ASP A 744 -1.03 -15.38 -34.35
N GLN A 745 0.15 -14.76 -34.44
CA GLN A 745 1.43 -15.35 -33.99
C GLN A 745 1.18 -16.09 -32.68
N ILE A 746 0.46 -15.41 -31.78
CA ILE A 746 0.11 -15.96 -30.48
C ILE A 746 -0.79 -17.17 -30.63
N ASP A 747 -1.90 -17.00 -31.33
CA ASP A 747 -2.86 -18.07 -31.54
C ASP A 747 -2.36 -19.18 -32.45
N ASN A 748 -1.68 -18.81 -33.54
CA ASN A 748 -1.14 -19.77 -34.51
C ASN A 748 -0.04 -20.63 -33.89
N GLY A 749 0.01 -20.63 -32.55
CA GLY A 749 0.97 -21.39 -31.78
C GLY A 749 2.42 -21.00 -31.99
N PHE A 750 2.66 -19.79 -32.49
CA PHE A 750 4.03 -19.35 -32.71
C PHE A 750 4.87 -19.40 -31.42
N PHE A 751 4.42 -18.69 -30.38
CA PHE A 751 5.15 -18.67 -29.12
C PHE A 751 4.87 -19.92 -28.29
N SER A 752 3.83 -20.65 -28.68
CA SER A 752 3.42 -21.89 -28.00
C SER A 752 3.48 -23.13 -28.90
N PRO A 753 4.68 -23.46 -29.43
CA PRO A 753 4.81 -24.64 -30.31
C PRO A 753 4.18 -25.94 -29.77
N LYS A 754 4.64 -26.37 -28.60
CA LYS A 754 4.14 -27.61 -27.98
C LYS A 754 2.65 -27.58 -27.65
N GLN A 755 2.03 -26.41 -27.76
CA GLN A 755 0.59 -26.24 -27.51
C GLN A 755 0.12 -24.88 -28.01
N PRO A 756 -0.05 -24.75 -29.33
CA PRO A 756 -0.48 -23.55 -30.04
C PRO A 756 -1.89 -23.17 -29.64
N ASP A 757 -2.70 -24.19 -29.35
CA ASP A 757 -4.09 -24.05 -28.95
C ASP A 757 -4.26 -23.76 -27.45
N LEU A 758 -3.13 -23.63 -26.75
CA LEU A 758 -3.12 -23.38 -25.30
C LEU A 758 -3.70 -22.04 -24.87
N PHE A 759 -3.33 -20.99 -25.59
CA PHE A 759 -3.81 -19.65 -25.30
C PHE A 759 -5.12 -19.38 -26.03
N LYS A 760 -5.72 -20.45 -26.55
CA LYS A 760 -6.98 -20.35 -27.26
C LYS A 760 -8.09 -19.96 -26.29
N ASP A 761 -7.70 -19.54 -25.09
CA ASP A 761 -8.63 -19.12 -24.06
C ASP A 761 -8.57 -17.60 -23.88
N ILE A 762 -7.47 -17.00 -24.34
CA ILE A 762 -7.27 -15.55 -24.26
C ILE A 762 -8.07 -14.89 -25.39
N ILE A 763 -7.99 -15.50 -26.57
CA ILE A 763 -8.64 -15.01 -27.77
C ILE A 763 -10.17 -14.97 -27.63
N ASN A 764 -10.73 -15.95 -26.95
CA ASN A 764 -12.18 -15.99 -26.76
C ASN A 764 -12.66 -14.87 -25.85
N MET A 765 -11.85 -14.51 -24.84
CA MET A 765 -12.18 -13.41 -23.93
C MET A 765 -11.42 -12.16 -24.33
N LEU A 766 -11.04 -12.11 -25.60
CA LEU A 766 -10.35 -10.97 -26.19
C LEU A 766 -11.32 -10.42 -27.23
N PHE A 767 -11.68 -11.29 -28.18
CA PHE A 767 -12.63 -10.95 -29.23
C PHE A 767 -14.02 -10.79 -28.62
N TYR A 768 -14.50 -11.88 -28.04
CA TYR A 768 -15.83 -11.92 -27.43
C TYR A 768 -15.91 -11.03 -26.18
N HIS A 769 -15.56 -11.61 -25.03
CA HIS A 769 -15.68 -10.94 -23.74
C HIS A 769 -14.48 -10.16 -23.17
N ASP A 770 -13.90 -9.25 -23.96
CA ASP A 770 -12.81 -8.42 -23.45
C ASP A 770 -13.44 -7.14 -22.91
N ARG A 771 -13.75 -7.15 -21.63
CA ARG A 771 -14.40 -6.01 -21.00
C ARG A 771 -13.47 -4.79 -20.93
N PHE A 772 -12.24 -4.95 -21.42
CA PHE A 772 -11.24 -3.88 -21.32
C PHE A 772 -10.67 -3.26 -22.60
N LYS A 773 -11.30 -3.55 -23.73
CA LYS A 773 -10.91 -2.96 -25.01
C LYS A 773 -9.41 -2.83 -25.30
N VAL A 774 -8.71 -3.96 -25.37
CA VAL A 774 -7.28 -3.92 -25.66
C VAL A 774 -7.00 -3.28 -27.00
N PHE A 775 -7.32 -4.00 -28.08
CA PHE A 775 -7.08 -3.54 -29.44
C PHE A 775 -7.41 -2.08 -29.69
N ALA A 776 -8.55 -1.62 -29.18
CA ALA A 776 -8.98 -0.24 -29.36
C ALA A 776 -7.90 0.82 -29.15
N ASP A 777 -6.94 0.51 -28.28
CA ASP A 777 -5.85 1.42 -27.96
C ASP A 777 -4.54 0.95 -28.54
N TYR A 778 -4.55 -0.28 -29.05
CA TYR A 778 -3.37 -0.88 -29.65
C TYR A 778 -2.65 0.11 -30.56
N GLU A 779 -3.42 1.05 -31.10
CA GLU A 779 -2.90 2.05 -32.00
C GLU A 779 -2.08 3.09 -31.27
N ALA A 780 -2.78 3.91 -30.50
CA ALA A 780 -2.18 5.00 -29.74
C ALA A 780 -0.92 4.53 -29.03
N TYR A 781 -1.02 3.33 -28.46
CA TYR A 781 0.08 2.75 -27.70
C TYR A 781 1.30 2.48 -28.55
N VAL A 782 1.18 1.52 -29.46
CA VAL A 782 2.31 1.10 -30.29
C VAL A 782 3.07 2.29 -30.88
N LYS A 783 2.32 3.29 -31.33
CA LYS A 783 2.90 4.52 -31.88
C LYS A 783 3.53 5.36 -30.78
N CYS A 784 2.77 5.53 -29.71
CA CYS A 784 3.21 6.27 -28.53
C CYS A 784 4.65 5.88 -28.22
N GLN A 785 4.85 4.58 -27.99
CA GLN A 785 6.17 4.04 -27.66
C GLN A 785 7.23 4.51 -28.63
N ASP A 786 6.86 4.54 -29.91
CA ASP A 786 7.81 4.94 -30.92
C ASP A 786 8.31 6.38 -30.74
N LYS A 787 7.53 7.21 -30.06
CA LYS A 787 7.98 8.56 -29.76
C LYS A 787 8.97 8.50 -28.58
N VAL A 788 8.86 7.43 -27.78
CA VAL A 788 9.75 7.20 -26.64
C VAL A 788 11.15 6.83 -27.14
N SER A 789 11.19 5.80 -28.00
CA SER A 789 12.44 5.37 -28.62
C SER A 789 13.06 6.61 -29.25
N GLN A 790 12.21 7.48 -29.79
CA GLN A 790 12.68 8.72 -30.38
C GLN A 790 13.26 9.67 -29.31
N LEU A 791 12.51 9.96 -28.26
CA LEU A 791 13.05 10.85 -27.24
C LEU A 791 14.28 10.25 -26.63
N TYR A 792 14.26 8.93 -26.44
CA TYR A 792 15.40 8.26 -25.83
C TYR A 792 16.68 8.43 -26.65
N MET A 793 16.54 8.34 -27.97
CA MET A 793 17.70 8.49 -28.85
C MET A 793 18.43 9.81 -28.63
N ASN A 794 17.70 10.83 -28.21
CA ASN A 794 18.28 12.12 -27.85
C ASN A 794 18.36 12.16 -26.33
N PRO A 795 19.54 11.87 -25.77
CA PRO A 795 19.69 11.87 -24.31
C PRO A 795 19.16 13.16 -23.72
N LYS A 796 19.77 14.26 -24.15
CA LYS A 796 19.39 15.60 -23.72
C LYS A 796 17.88 15.83 -23.67
N ALA A 797 17.14 15.32 -24.65
CA ALA A 797 15.70 15.51 -24.69
C ALA A 797 15.11 14.79 -23.48
N TRP A 798 15.57 13.56 -23.29
CA TRP A 798 15.13 12.75 -22.17
C TRP A 798 15.34 13.53 -20.88
N ASN A 799 16.58 13.51 -20.41
CA ASN A 799 16.95 14.15 -19.17
C ASN A 799 16.35 15.51 -18.86
N THR A 800 16.16 16.35 -19.87
CA THR A 800 15.51 17.63 -19.61
C THR A 800 14.04 17.35 -19.23
N MET A 801 13.44 16.36 -19.89
CA MET A 801 12.05 16.02 -19.63
C MET A 801 11.89 15.37 -18.27
N VAL A 802 12.79 14.45 -17.97
CA VAL A 802 12.81 13.74 -16.70
C VAL A 802 12.90 14.74 -15.55
N LEU A 803 13.89 15.62 -15.59
CA LEU A 803 14.06 16.65 -14.58
C LEU A 803 12.77 17.46 -14.40
N LYS A 804 11.94 17.47 -15.44
CA LYS A 804 10.68 18.20 -15.43
C LYS A 804 9.63 17.37 -14.68
N ASN A 805 9.83 16.05 -14.71
CA ASN A 805 8.95 15.12 -14.02
C ASN A 805 9.40 15.08 -12.56
N ILE A 806 10.70 14.91 -12.36
CA ILE A 806 11.26 14.89 -11.02
C ILE A 806 11.02 16.16 -10.20
N ALA A 807 10.98 17.31 -10.84
CA ALA A 807 10.80 18.57 -10.12
C ALA A 807 9.33 18.99 -10.03
N ALA A 808 8.43 18.01 -10.14
CA ALA A 808 6.97 18.23 -10.07
C ALA A 808 6.35 17.03 -9.33
N SER A 809 7.20 16.28 -8.66
CA SER A 809 6.74 15.11 -7.94
C SER A 809 6.61 15.44 -6.47
N GLY A 810 6.99 16.64 -6.06
CA GLY A 810 6.92 17.01 -4.66
C GLY A 810 5.50 17.12 -4.12
N LYS A 811 4.52 17.12 -5.02
CA LYS A 811 3.13 17.26 -4.63
C LYS A 811 2.56 15.92 -4.21
N PHE A 812 3.19 14.84 -4.66
CA PHE A 812 2.75 13.51 -4.34
C PHE A 812 3.52 12.90 -3.18
N SER A 813 4.01 13.76 -2.30
CA SER A 813 4.63 13.30 -1.07
C SER A 813 3.52 12.92 -0.10
N SER A 814 3.69 11.80 0.60
CA SER A 814 2.70 11.33 1.59
C SER A 814 2.75 12.16 2.86
N ASP A 815 3.56 13.23 2.85
CA ASP A 815 3.67 14.13 3.99
C ASP A 815 2.64 15.17 3.75
N ARG A 816 2.49 15.56 2.48
CA ARG A 816 1.53 16.60 2.17
C ARG A 816 0.14 15.99 2.31
N THR A 817 0.02 14.75 1.90
CA THR A 817 -1.23 14.02 2.04
C THR A 817 -1.65 13.96 3.52
N ILE A 818 -0.67 13.79 4.40
CA ILE A 818 -0.95 13.74 5.83
C ILE A 818 -1.31 15.12 6.40
N LYS A 819 -0.52 16.14 6.07
CA LYS A 819 -0.78 17.52 6.50
C LYS A 819 -2.26 17.76 6.25
N GLU A 820 -2.71 17.50 5.03
CA GLU A 820 -4.11 17.68 4.67
C GLU A 820 -5.09 16.95 5.60
N TYR A 821 -4.85 15.67 5.79
CA TYR A 821 -5.69 14.88 6.67
C TYR A 821 -5.76 15.50 8.06
N ALA A 822 -4.63 15.99 8.56
CA ALA A 822 -4.58 16.60 9.87
C ALA A 822 -5.42 17.88 10.00
N GLN A 823 -5.38 18.75 8.99
CA GLN A 823 -6.14 19.99 9.01
C GLN A 823 -7.66 19.84 8.84
N ASN A 824 -8.04 19.18 7.75
CA ASN A 824 -9.43 19.07 7.39
C ASN A 824 -10.18 17.86 7.89
N ILE A 825 -9.50 16.96 8.57
CA ILE A 825 -10.22 15.80 9.06
C ILE A 825 -10.02 15.50 10.54
N TRP A 826 -8.79 15.17 10.90
CA TRP A 826 -8.46 14.81 12.28
C TRP A 826 -8.33 16.01 13.19
N ASN A 827 -8.17 17.18 12.62
CA ASN A 827 -8.03 18.36 13.46
C ASN A 827 -6.91 18.17 14.49
N VAL A 828 -5.74 17.81 13.96
CA VAL A 828 -4.56 17.61 14.78
C VAL A 828 -3.43 18.38 14.08
N GLU A 829 -2.47 18.91 14.83
CA GLU A 829 -1.40 19.71 14.23
C GLU A 829 -0.03 19.03 14.11
N PRO A 830 0.63 19.17 12.97
CA PRO A 830 1.96 18.58 12.75
C PRO A 830 2.98 19.28 13.61
N SER A 831 4.05 18.57 13.96
CA SER A 831 5.09 19.17 14.75
C SER A 831 6.46 18.84 14.23
N ASP A 832 7.39 19.78 14.39
CA ASP A 832 8.77 19.61 13.94
C ASP A 832 9.64 19.69 15.19
N LEU A 833 9.11 19.11 16.26
CA LEU A 833 9.79 19.11 17.53
C LEU A 833 10.63 17.83 17.70
N LYS A 834 11.94 17.98 17.54
CA LYS A 834 12.85 16.87 17.75
C LYS A 834 12.67 16.48 19.21
N ILE A 835 12.12 15.30 19.46
CA ILE A 835 11.91 14.89 20.83
C ILE A 835 13.29 14.76 21.45
N SER A 836 13.45 15.16 22.70
CA SER A 836 14.77 15.12 23.29
C SER A 836 15.08 13.77 23.88
N LEU A 837 16.30 13.30 23.61
CA LEU A 837 16.72 12.01 24.10
C LEU A 837 17.07 12.07 25.58
N SER A 838 17.67 13.17 25.98
CA SER A 838 18.03 13.42 27.38
C SER A 838 17.04 14.45 27.96
N ASN A 839 16.43 14.12 29.10
CA ASN A 839 15.46 15.01 29.73
C ASN A 839 15.51 14.88 31.25
N GLY B 1 -3.07 4.41 35.75
CA GLY B 1 -1.69 4.26 35.30
C GLY B 1 -1.60 4.30 33.78
N PRO B 2 -0.59 5.02 33.24
CA PRO B 2 -0.30 5.24 31.81
C PRO B 2 -0.43 3.98 30.98
N TYR B 3 -1.10 4.10 29.82
CA TYR B 3 -1.25 2.98 28.87
C TYR B 3 -0.76 3.43 27.49
N TYR B 4 0.45 3.01 27.13
CA TYR B 4 1.06 3.37 25.84
C TYR B 4 0.47 2.54 24.70
#